data_1ZF7
# 
_entry.id   1ZF7 
# 
_audit_conform.dict_name       mmcif_pdbx.dic 
_audit_conform.dict_version    5.389 
_audit_conform.dict_location   http://mmcif.pdb.org/dictionaries/ascii/mmcif_pdbx.dic 
# 
loop_
_database_2.database_id 
_database_2.database_code 
_database_2.pdbx_database_accession 
_database_2.pdbx_DOI 
PDB   1ZF7         pdb_00001zf7 10.2210/pdb1zf7/pdb 
NDB   BD0080       ?            ?                   
RCSB  RCSB032650   ?            ?                   
WWPDB D_1000032650 ?            ?                   
# 
loop_
_pdbx_audit_revision_history.ordinal 
_pdbx_audit_revision_history.data_content_type 
_pdbx_audit_revision_history.major_revision 
_pdbx_audit_revision_history.minor_revision 
_pdbx_audit_revision_history.revision_date 
1 'Structure model' 1 0 2005-05-10 
2 'Structure model' 1 1 2008-04-30 
3 'Structure model' 1 2 2011-07-13 
4 'Structure model' 1 3 2017-10-11 
5 'Structure model' 1 4 2024-02-14 
6 'Structure model' 1 5 2024-04-03 
# 
_pdbx_audit_revision_details.ordinal             1 
_pdbx_audit_revision_details.revision_ordinal    1 
_pdbx_audit_revision_details.data_content_type   'Structure model' 
_pdbx_audit_revision_details.provider            repository 
_pdbx_audit_revision_details.type                'Initial release' 
_pdbx_audit_revision_details.description         ? 
_pdbx_audit_revision_details.details             ? 
# 
loop_
_pdbx_audit_revision_group.ordinal 
_pdbx_audit_revision_group.revision_ordinal 
_pdbx_audit_revision_group.data_content_type 
_pdbx_audit_revision_group.group 
1 2 'Structure model' 'Version format compliance' 
2 3 'Structure model' 'Version format compliance' 
3 4 'Structure model' 'Refinement description'    
4 5 'Structure model' 'Data collection'           
5 5 'Structure model' 'Database references'       
6 5 'Structure model' 'Derived calculations'      
7 6 'Structure model' 'Refinement description'    
# 
loop_
_pdbx_audit_revision_category.ordinal 
_pdbx_audit_revision_category.revision_ordinal 
_pdbx_audit_revision_category.data_content_type 
_pdbx_audit_revision_category.category 
1 4 'Structure model' software                      
2 5 'Structure model' chem_comp_atom                
3 5 'Structure model' chem_comp_bond                
4 5 'Structure model' database_2                    
5 5 'Structure model' pdbx_struct_conn_angle        
6 5 'Structure model' struct_conn                   
7 5 'Structure model' struct_site                   
8 6 'Structure model' pdbx_initial_refinement_model 
# 
loop_
_pdbx_audit_revision_item.ordinal 
_pdbx_audit_revision_item.revision_ordinal 
_pdbx_audit_revision_item.data_content_type 
_pdbx_audit_revision_item.item 
1  5 'Structure model' '_database_2.pdbx_DOI'                        
2  5 'Structure model' '_database_2.pdbx_database_accession'         
3  5 'Structure model' '_pdbx_struct_conn_angle.ptnr1_auth_comp_id'  
4  5 'Structure model' '_pdbx_struct_conn_angle.ptnr1_auth_seq_id'   
5  5 'Structure model' '_pdbx_struct_conn_angle.ptnr1_label_asym_id' 
6  5 'Structure model' '_pdbx_struct_conn_angle.ptnr1_label_atom_id' 
7  5 'Structure model' '_pdbx_struct_conn_angle.ptnr1_label_comp_id' 
8  5 'Structure model' '_pdbx_struct_conn_angle.ptnr1_label_seq_id'  
9  5 'Structure model' '_pdbx_struct_conn_angle.ptnr2_auth_seq_id'   
10 5 'Structure model' '_pdbx_struct_conn_angle.ptnr2_label_asym_id' 
11 5 'Structure model' '_pdbx_struct_conn_angle.ptnr3_auth_asym_id'  
12 5 'Structure model' '_pdbx_struct_conn_angle.ptnr3_auth_comp_id'  
13 5 'Structure model' '_pdbx_struct_conn_angle.ptnr3_auth_seq_id'   
14 5 'Structure model' '_pdbx_struct_conn_angle.ptnr3_label_asym_id' 
15 5 'Structure model' '_pdbx_struct_conn_angle.ptnr3_label_atom_id' 
16 5 'Structure model' '_pdbx_struct_conn_angle.ptnr3_label_comp_id' 
17 5 'Structure model' '_pdbx_struct_conn_angle.ptnr3_label_seq_id'  
18 5 'Structure model' '_pdbx_struct_conn_angle.ptnr3_symmetry'      
19 5 'Structure model' '_pdbx_struct_conn_angle.value'               
20 5 'Structure model' '_struct_conn.pdbx_dist_value'                
21 5 'Structure model' '_struct_conn.ptnr1_auth_asym_id'             
22 5 'Structure model' '_struct_conn.ptnr1_auth_comp_id'             
23 5 'Structure model' '_struct_conn.ptnr1_auth_seq_id'              
24 5 'Structure model' '_struct_conn.ptnr1_label_asym_id'            
25 5 'Structure model' '_struct_conn.ptnr1_label_atom_id'            
26 5 'Structure model' '_struct_conn.ptnr1_label_comp_id'            
27 5 'Structure model' '_struct_conn.ptnr1_label_seq_id'             
28 5 'Structure model' '_struct_conn.ptnr2_auth_asym_id'             
29 5 'Structure model' '_struct_conn.ptnr2_auth_comp_id'             
30 5 'Structure model' '_struct_conn.ptnr2_auth_seq_id'              
31 5 'Structure model' '_struct_conn.ptnr2_label_asym_id'            
32 5 'Structure model' '_struct_conn.ptnr2_label_atom_id'            
33 5 'Structure model' '_struct_conn.ptnr2_label_comp_id'            
34 5 'Structure model' '_struct_conn.ptnr2_label_seq_id'             
35 5 'Structure model' '_struct_conn.ptnr2_symmetry'                 
36 5 'Structure model' '_struct_site.pdbx_auth_asym_id'              
37 5 'Structure model' '_struct_site.pdbx_auth_comp_id'              
38 5 'Structure model' '_struct_site.pdbx_auth_seq_id'               
# 
_pdbx_database_status.entry_id                        1ZF7 
_pdbx_database_status.deposit_site                    RCSB 
_pdbx_database_status.process_site                    RCSB 
_pdbx_database_status.recvd_initial_deposition_date   2005-04-20 
_pdbx_database_status.status_code                     REL 
_pdbx_database_status.status_code_sf                  REL 
_pdbx_database_status.status_code_mr                  ? 
_pdbx_database_status.SG_entry                        ? 
_pdbx_database_status.pdb_format_compatible           Y 
_pdbx_database_status.status_code_cs                  ? 
_pdbx_database_status.methods_development_category    ? 
_pdbx_database_status.status_code_nmr_data            ? 
# 
loop_
_pdbx_database_related.db_name 
_pdbx_database_related.db_id 
_pdbx_database_related.details 
_pdbx_database_related.content_type 
PDB 1P4Y   .           unspecified 
PDB 1P4Z   .           unspecified 
PDB 1DCW   .           unspecified 
PDB 1DCV   .           unspecified 
NDB BDJ039 Isomorphous unspecified 
PDB 1ZEW   .           unspecified 
PDB 1ZEX   .           unspecified 
PDB 1ZEY   .           unspecified 
PDB 1ZEZ   .           unspecified 
PDB 1ZF0   .           unspecified 
PDB 1ZF1   .           unspecified 
PDB 1ZF2   .           unspecified 
PDB 1ZF3   .           unspecified 
PDB 1ZF4   .           unspecified 
PDB 1ZF5   .           unspecified 
PDB 1ZF6   .           unspecified 
PDB 1ZF8   .           unspecified 
PDB 1ZF9   .           unspecified 
PDB 1ZFA   .           unspecified 
PDB 1ZFB   .           unspecified 
PDB 1ZFC   .           unspecified 
PDB 1ZFE   .           unspecified 
PDB 1ZFF   .           unspecified 
PDB 1ZFG   .           unspecified 
PDB 1ZFH   .           unspecified 
PDB 1ZFM   .           unspecified 
# 
loop_
_audit_author.name 
_audit_author.pdbx_ordinal 
'Hays, F.A.'      1 
'Teegarden, A.T.' 2 
'Jones, Z.J.R.'   3 
'Harms, M.'       4 
'Raup, D.'        5 
'Watson, J.'      6 
'Cavaliere, E.'   7 
'Ho, P.S.'        8 
# 
_citation.id                        primary 
_citation.title                     'How sequence defines structure: a crystallographic map of DNA structure and conformation.' 
_citation.journal_abbrev            Proc.Natl.Acad.Sci.Usa 
_citation.journal_volume            102 
_citation.page_first                7157 
_citation.page_last                 7162 
_citation.year                      2005 
_citation.journal_id_ASTM           PNASA6 
_citation.country                   US 
_citation.journal_id_ISSN           0027-8424 
_citation.journal_id_CSD            0040 
_citation.book_publisher            ? 
_citation.pdbx_database_id_PubMed   15870206 
_citation.pdbx_database_id_DOI      10.1073/pnas.0409455102 
# 
loop_
_citation_author.citation_id 
_citation_author.name 
_citation_author.ordinal 
_citation_author.identifier_ORCID 
primary 'Hays, F.A.'    1 ? 
primary 'Teegarden, A.' 2 ? 
primary 'Jones, Z.J.'   3 ? 
primary 'Harms, M.'     4 ? 
primary 'Raup, D.'      5 ? 
primary 'Watson, J.'    6 ? 
primary 'Cavaliere, E.' 7 ? 
primary 'Ho, P.S.'      8 ? 
# 
loop_
_entity.id 
_entity.type 
_entity.src_method 
_entity.pdbx_description 
_entity.formula_weight 
_entity.pdbx_number_of_molecules 
_entity.pdbx_ec 
_entity.pdbx_mutation 
_entity.pdbx_fragment 
_entity.details 
1 polymer     syn "5'-D(*CP*CP*GP*TP*CP*GP*AP*CP*GP*G)-3'" 3045.992 2  ? ? ? ? 
2 non-polymer syn 'CALCIUM ION'                            40.078   3  ? ? ? ? 
3 non-polymer syn 'SODIUM ION'                             22.990   1  ? ? ? ? 
4 water       nat water                                    18.015   21 ? ? ? ? 
# 
_entity_poly.entity_id                      1 
_entity_poly.type                           polydeoxyribonucleotide 
_entity_poly.nstd_linkage                   no 
_entity_poly.nstd_monomer                   no 
_entity_poly.pdbx_seq_one_letter_code       '(DC)(DC)(DG)(DT)(DC)(DG)(DA)(DC)(DG)(DG)' 
_entity_poly.pdbx_seq_one_letter_code_can   CCGTCGACGG 
_entity_poly.pdbx_strand_id                 A,B 
_entity_poly.pdbx_target_identifier         ? 
# 
loop_
_pdbx_entity_nonpoly.entity_id 
_pdbx_entity_nonpoly.name 
_pdbx_entity_nonpoly.comp_id 
2 'CALCIUM ION' CA  
3 'SODIUM ION'  NA  
4 water         HOH 
# 
loop_
_entity_poly_seq.entity_id 
_entity_poly_seq.num 
_entity_poly_seq.mon_id 
_entity_poly_seq.hetero 
1 1  DC n 
1 2  DC n 
1 3  DG n 
1 4  DT n 
1 5  DC n 
1 6  DG n 
1 7  DA n 
1 8  DC n 
1 9  DG n 
1 10 DG n 
# 
_pdbx_entity_src_syn.entity_id              1 
_pdbx_entity_src_syn.pdbx_src_id            1 
_pdbx_entity_src_syn.pdbx_alt_source_flag   sample 
_pdbx_entity_src_syn.pdbx_beg_seq_num       ? 
_pdbx_entity_src_syn.pdbx_end_seq_num       ? 
_pdbx_entity_src_syn.organism_scientific    ? 
_pdbx_entity_src_syn.organism_common_name   ? 
_pdbx_entity_src_syn.ncbi_taxonomy_id       ? 
_pdbx_entity_src_syn.details                
;DNA WAS SYNTHESIZED ON AN APPLIED BIOSYSTEMS DNA SYNTHESIZER USING PHOSPHORAMIDITE CHEMISTRY, WITH THE TRITYL-PROTECTING GROUP LEFT INTACT AT THE 5'-TERMINAL NUCLEOTIDE THEN DEPROTECTED BY TREATMENT WITH 3% ACETIC ACID FOR FIFTEEN MINUTES, NEUTRALIZED WITH AMMONIUM HYDROXIDE, AND DESALTED ON A SIGMA G-25 SEPHADEX COLUMN.
;
# 
loop_
_chem_comp.id 
_chem_comp.type 
_chem_comp.mon_nstd_flag 
_chem_comp.name 
_chem_comp.pdbx_synonyms 
_chem_comp.formula 
_chem_comp.formula_weight 
CA  non-polymer   . 'CALCIUM ION'                        ? 'Ca 2'            40.078  
DA  'DNA linking' y "2'-DEOXYADENOSINE-5'-MONOPHOSPHATE" ? 'C10 H14 N5 O6 P' 331.222 
DC  'DNA linking' y "2'-DEOXYCYTIDINE-5'-MONOPHOSPHATE"  ? 'C9 H14 N3 O7 P'  307.197 
DG  'DNA linking' y "2'-DEOXYGUANOSINE-5'-MONOPHOSPHATE" ? 'C10 H14 N5 O7 P' 347.221 
DT  'DNA linking' y "THYMIDINE-5'-MONOPHOSPHATE"         ? 'C10 H15 N2 O8 P' 322.208 
HOH non-polymer   . WATER                                ? 'H2 O'            18.015  
NA  non-polymer   . 'SODIUM ION'                         ? 'Na 1'            22.990  
# 
loop_
_pdbx_poly_seq_scheme.asym_id 
_pdbx_poly_seq_scheme.entity_id 
_pdbx_poly_seq_scheme.seq_id 
_pdbx_poly_seq_scheme.mon_id 
_pdbx_poly_seq_scheme.ndb_seq_num 
_pdbx_poly_seq_scheme.pdb_seq_num 
_pdbx_poly_seq_scheme.auth_seq_num 
_pdbx_poly_seq_scheme.pdb_mon_id 
_pdbx_poly_seq_scheme.auth_mon_id 
_pdbx_poly_seq_scheme.pdb_strand_id 
_pdbx_poly_seq_scheme.pdb_ins_code 
_pdbx_poly_seq_scheme.hetero 
A 1 1  DC 1  1  1  DC C A . n 
A 1 2  DC 2  2  2  DC C A . n 
A 1 3  DG 3  3  3  DG G A . n 
A 1 4  DT 4  4  4  DT T A . n 
A 1 5  DC 5  5  5  DC C A . n 
A 1 6  DG 6  6  6  DG G A . n 
A 1 7  DA 7  7  7  DA A A . n 
A 1 8  DC 8  8  8  DC C A . n 
A 1 9  DG 9  9  9  DG G A . n 
A 1 10 DG 10 10 10 DG G A . n 
B 1 1  DC 1  11 11 DC C B . n 
B 1 2  DC 2  12 12 DC C B . n 
B 1 3  DG 3  13 13 DG G B . n 
B 1 4  DT 4  14 14 DT T B . n 
B 1 5  DC 5  15 15 DC C B . n 
B 1 6  DG 6  16 16 DG G B . n 
B 1 7  DA 7  17 17 DA A B . n 
B 1 8  DC 8  18 18 DC C B . n 
B 1 9  DG 9  19 19 DG G B . n 
B 1 10 DG 10 20 20 DG G B . n 
# 
loop_
_pdbx_nonpoly_scheme.asym_id 
_pdbx_nonpoly_scheme.entity_id 
_pdbx_nonpoly_scheme.mon_id 
_pdbx_nonpoly_scheme.ndb_seq_num 
_pdbx_nonpoly_scheme.pdb_seq_num 
_pdbx_nonpoly_scheme.auth_seq_num 
_pdbx_nonpoly_scheme.pdb_mon_id 
_pdbx_nonpoly_scheme.auth_mon_id 
_pdbx_nonpoly_scheme.pdb_strand_id 
_pdbx_nonpoly_scheme.pdb_ins_code 
C 2 CA  1  22 22 CA  CA  A . 
D 2 CA  1  23 23 CA  CA  A . 
E 3 NA  1  24 24 NA  NA  A . 
F 2 CA  1  21 21 CA  CA  B . 
G 4 HOH 1  27 27 HOH WAT A . 
G 4 HOH 2  28 28 HOH WAT A . 
G 4 HOH 3  29 29 HOH WAT A . 
G 4 HOH 4  30 30 HOH WAT A . 
G 4 HOH 5  31 31 HOH WAT A . 
G 4 HOH 6  32 32 HOH WAT A . 
G 4 HOH 7  35 35 HOH WAT A . 
G 4 HOH 8  38 38 HOH WAT A . 
G 4 HOH 9  39 39 HOH WAT A . 
G 4 HOH 10 42 42 HOH WAT A . 
G 4 HOH 11 43 43 HOH WAT A . 
G 4 HOH 12 45 45 HOH WAT A . 
H 4 HOH 1  25 25 HOH WAT B . 
H 4 HOH 2  26 26 HOH WAT B . 
H 4 HOH 3  33 33 HOH WAT B . 
H 4 HOH 4  34 34 HOH WAT B . 
H 4 HOH 5  36 36 HOH WAT B . 
H 4 HOH 6  37 37 HOH WAT B . 
H 4 HOH 7  40 40 HOH WAT B . 
H 4 HOH 8  41 41 HOH WAT B . 
H 4 HOH 9  44 44 HOH WAT B . 
# 
loop_
_software.name 
_software.version 
_software.date 
_software.type 
_software.contact_author 
_software.contact_author_email 
_software.classification 
_software.location 
_software.language 
_software.citation_id 
_software.pdbx_ordinal 
DENZO     .   ? package 'Zbyszek Otwinowski' zbyszek@mix.swmed.edu 'data reduction' 
http://www.lnls.br/infra/linhasluz/denzo-hkl.htm ?          ? 1 
SCALEPACK .   ? package 'Zbyszek Otwinowski' zbyszek@mix.swmed.edu 'data scaling'   
http://www.lnls.br/infra/linhasluz/denzo-hkl.htm ?          ? 2 
CNS       1.1 ? package 'Axel T. Brunger'    axel.brunger@yale.edu refinement       http://cns.csb.yale.edu/v1.1/ Fortran_77 ? 3 
AMoRE     .   ? ?       ?                    ?                     phasing          ? ?          ? 4 
# 
_cell.length_a           53.44 
_cell.length_b           53.44 
_cell.length_c           43.87 
_cell.angle_alpha        90.0 
_cell.angle_beta         90.0 
_cell.angle_gamma        120.0 
_cell.entry_id           1ZF7 
_cell.pdbx_unique_axis   ? 
_cell.Z_PDB              18 
# 
_symmetry.space_group_name_H-M             'H 3' 
_symmetry.Int_Tables_number                146 
_symmetry.entry_id                         1ZF7 
_symmetry.pdbx_full_space_group_name_H-M   ? 
_symmetry.cell_setting                     ? 
_symmetry.space_group_name_Hall            ? 
# 
_exptl.entry_id          1ZF7 
_exptl.method            'X-RAY DIFFRACTION' 
_exptl.crystals_number   2 
# 
_exptl_crystal.id                    1 
_exptl_crystal.density_meas          ? 
_exptl_crystal.density_Matthews      1.98 
_exptl_crystal.density_percent_sol   37.84 
_exptl_crystal.description           ? 
_exptl_crystal.F_000                 ? 
_exptl_crystal.preparation           ? 
# 
_exptl_crystal_grow.crystal_id      1 
_exptl_crystal_grow.method          ? 
_exptl_crystal_grow.temp            298 
_exptl_crystal_grow.temp_details    ? 
_exptl_crystal_grow.pH              7.00 
_exptl_crystal_grow.pdbx_details    
'Na Cacodylate, CaCl2, Spermine, MPD in resevoir, pH 7.0, VAPOR DIFFUSION, SITTING DROP, temperature 298K, pH 7.00' 
_exptl_crystal_grow.pdbx_pH_range   . 
# 
loop_
_exptl_crystal_grow_comp.crystal_id 
_exptl_crystal_grow_comp.id 
_exptl_crystal_grow_comp.sol_id 
_exptl_crystal_grow_comp.name 
_exptl_crystal_grow_comp.conc 
_exptl_crystal_grow_comp.volume 
_exptl_crystal_grow_comp.details 
1 1 1 'Na Cacodylate' ? ? ? 
1 2 1 CaCl2           ? ? ? 
1 3 1 Spermine        ? ? ? 
1 4 1 MPD             ? ? ? 
1 5 1 H2O             ? ? ? 
1 6 2 'Na Cacodylate' ? ? ? 
1 7 2 CaCl2           ? ? ? 
1 8 2 MPD             ? ? ? 
1 9 2 H2O             ? ? ? 
# 
loop_
_diffrn.id 
_diffrn.ambient_temp 
_diffrn.ambient_temp_details 
_diffrn.crystal_id 
1 103 ? 1 
2 103 ? 1 
# 
loop_
_diffrn_detector.diffrn_id 
_diffrn_detector.detector 
_diffrn_detector.type 
_diffrn_detector.pdbx_collection_date 
_diffrn_detector.details 
1 'IMAGE PLATE' 'RIGAKU RAXIS IV' 2003-10-06 ? 
2 CCD           'ADSC QUANTUM 4'  2004-02-25 ? 
# 
_diffrn_radiation.diffrn_id                        1 
_diffrn_radiation.wavelength_id                    1 
_diffrn_radiation.pdbx_monochromatic_or_laue_m_l   M 
_diffrn_radiation.monochromator                    ? 
_diffrn_radiation.pdbx_diffrn_protocol             'SINGLE WAVELENGTH' 
_diffrn_radiation.pdbx_scattering_type             x-ray 
# 
loop_
_diffrn_radiation_wavelength.id 
_diffrn_radiation_wavelength.wavelength 
_diffrn_radiation_wavelength.wt 
1 1.542  1.0 
2 0.9742 1.0 
# 
loop_
_diffrn_source.diffrn_id 
_diffrn_source.source 
_diffrn_source.type 
_diffrn_source.pdbx_wavelength_list 
_diffrn_source.pdbx_wavelength 
_diffrn_source.pdbx_synchrotron_site 
_diffrn_source.pdbx_synchrotron_beamline 
1 'ROTATING ANODE' 'RIGAKU RUH3R'         1.542  ? ?   ?       
2 SYNCHROTRON      'APS BEAMLINE 14-BM-D' 0.9742 ? APS 14-BM-D 
# 
_reflns.entry_id                     1ZF7 
_reflns.observed_criterion_sigma_I   0.000 
_reflns.observed_criterion_sigma_F   ? 
_reflns.d_resolution_low             99.000 
_reflns.d_resolution_high            1.050 
_reflns.number_obs                   20484 
_reflns.number_all                   ? 
_reflns.percent_possible_obs         93.8 
_reflns.pdbx_Rmerge_I_obs            0.051 
_reflns.pdbx_Rsym_value              ? 
_reflns.pdbx_netI_over_sigmaI        18.1000 
_reflns.B_iso_Wilson_estimate        2.5 
_reflns.pdbx_redundancy              ? 
_reflns.R_free_details               ? 
_reflns.pdbx_chi_squared             ? 
_reflns.pdbx_scaling_rejects         ? 
_reflns.pdbx_diffrn_id               1 
_reflns.pdbx_ordinal                 1 
# 
_reflns_shell.d_res_high             1.05 
_reflns_shell.d_res_low              1.09 
_reflns_shell.percent_possible_all   83.5 
_reflns_shell.Rmerge_I_obs           0.455 
_reflns_shell.pdbx_Rsym_value        ? 
_reflns_shell.meanI_over_sigI_obs    1.700 
_reflns_shell.pdbx_redundancy        ? 
_reflns_shell.percent_possible_obs   ? 
_reflns_shell.number_unique_all      ? 
_reflns_shell.number_measured_all    ? 
_reflns_shell.number_measured_obs    ? 
_reflns_shell.number_unique_obs      ? 
_reflns_shell.pdbx_chi_squared       ? 
_reflns_shell.pdbx_diffrn_id         ? 
_reflns_shell.pdbx_ordinal           1 
# 
_refine.entry_id                                 1ZF7 
_refine.ls_number_reflns_obs                     16826 
_refine.ls_number_reflns_all                     ? 
_refine.pdbx_ls_sigma_I                          ? 
_refine.pdbx_ls_sigma_F                          0.000 
_refine.pdbx_data_cutoff_high_absF               41267.11 
_refine.pdbx_data_cutoff_low_absF                0.00 
_refine.pdbx_data_cutoff_high_rms_absF           ? 
_refine.ls_d_res_low                             16.25 
_refine.ls_d_res_high                            1.05 
_refine.ls_percent_reflns_obs                    77.0 
_refine.ls_R_factor_obs                          0.276 
_refine.ls_R_factor_all                          ? 
_refine.ls_R_factor_R_work                       0.276 
_refine.ls_R_factor_R_free                       0.288 
_refine.ls_R_factor_R_free_error                 0.007 
_refine.ls_R_factor_R_free_error_details         ? 
_refine.ls_percent_reflns_R_free                 10.00 
_refine.ls_number_reflns_R_free                  1684 
_refine.ls_number_parameters                     ? 
_refine.ls_number_restraints                     ? 
_refine.occupancy_min                            ? 
_refine.occupancy_max                            ? 
_refine.correlation_coeff_Fo_to_Fc               ? 
_refine.correlation_coeff_Fo_to_Fc_free          ? 
_refine.B_iso_mean                               6.08 
_refine.aniso_B[1][1]                            0.06600 
_refine.aniso_B[2][2]                            0.06600 
_refine.aniso_B[3][3]                            -0.13200 
_refine.aniso_B[1][2]                            -0.12100 
_refine.aniso_B[1][3]                            0.00000 
_refine.aniso_B[2][3]                            0.00000 
_refine.solvent_model_details                    'FLAT MODEL' 
_refine.solvent_model_param_ksol                 0.8178 
_refine.solvent_model_param_bsol                 36.70 
_refine.pdbx_solvent_vdw_probe_radii             ? 
_refine.pdbx_solvent_ion_probe_radii             ? 
_refine.pdbx_solvent_shrinkage_radii             ? 
_refine.pdbx_ls_cross_valid_method               THROUGHOUT 
_refine.details                                  'STRUCTURE IS NOT FULLY REFINED TO ITS LOWEST R VALUES. REFER TO CITATION ABOVE.' 
_refine.pdbx_starting_model                      BDJ039 
_refine.pdbx_method_to_determine_struct          'MOLECULAR REPLACEMENT' 
_refine.pdbx_isotropic_thermal_model             RESTRAINED 
_refine.pdbx_stereochemistry_target_values       'MAXIMUM LIKELIHOOD' 
_refine.pdbx_stereochem_target_val_spec_case     ? 
_refine.pdbx_R_Free_selection_details            RANDOM 
_refine.pdbx_overall_ESU_R                       ? 
_refine.pdbx_overall_ESU_R_Free                  ? 
_refine.overall_SU_ML                            ? 
_refine.overall_SU_B                             ? 
_refine.ls_redundancy_reflns_obs                 ? 
_refine.overall_SU_R_Cruickshank_DPI             ? 
_refine.overall_SU_R_free                        ? 
_refine.ls_wR_factor_R_free                      ? 
_refine.ls_wR_factor_R_work                      ? 
_refine.overall_FOM_free_R_set                   ? 
_refine.overall_FOM_work_R_set                   ? 
_refine.pdbx_refine_id                           'X-RAY DIFFRACTION' 
_refine.pdbx_diffrn_id                           1 
_refine.pdbx_TLS_residual_ADP_flag               ? 
_refine.pdbx_overall_phase_error                 ? 
_refine.pdbx_overall_SU_R_free_Cruickshank_DPI   ? 
_refine.pdbx_overall_SU_R_Blow_DPI               ? 
_refine.pdbx_overall_SU_R_free_Blow_DPI          ? 
# 
_refine_analyze.entry_id                        1ZF7 
_refine_analyze.Luzzati_coordinate_error_obs    0.16 
_refine_analyze.Luzzati_sigma_a_obs             0.03 
_refine_analyze.Luzzati_d_res_low_obs           5.00 
_refine_analyze.Luzzati_coordinate_error_free   0.17 
_refine_analyze.Luzzati_sigma_a_free            0.08 
_refine_analyze.Luzzati_d_res_low_free          ? 
_refine_analyze.number_disordered_residues      ? 
_refine_analyze.occupancy_sum_hydrogen          ? 
_refine_analyze.occupancy_sum_non_hydrogen      ? 
_refine_analyze.pdbx_refine_id                  'X-RAY DIFFRACTION' 
# 
_refine_hist.pdbx_refine_id                   'X-RAY DIFFRACTION' 
_refine_hist.cycle_id                         LAST 
_refine_hist.pdbx_number_atoms_protein        0 
_refine_hist.pdbx_number_atoms_nucleic_acid   404 
_refine_hist.pdbx_number_atoms_ligand         4 
_refine_hist.number_atoms_solvent             21 
_refine_hist.number_atoms_total               429 
_refine_hist.d_res_high                       1.05 
_refine_hist.d_res_low                        16.25 
# 
loop_
_refine_ls_restr.type 
_refine_ls_restr.dev_ideal 
_refine_ls_restr.dev_ideal_target 
_refine_ls_restr.weight 
_refine_ls_restr.number 
_refine_ls_restr.pdbx_refine_id 
_refine_ls_restr.pdbx_restraint_function 
c_bond_d                0.004 ?     ? ? 'X-RAY DIFFRACTION' ? 
c_bond_d_na             ?     ?     ? ? 'X-RAY DIFFRACTION' ? 
c_bond_d_prot           ?     ?     ? ? 'X-RAY DIFFRACTION' ? 
c_angle_d               ?     ?     ? ? 'X-RAY DIFFRACTION' ? 
c_angle_d_na            ?     ?     ? ? 'X-RAY DIFFRACTION' ? 
c_angle_d_prot          ?     ?     ? ? 'X-RAY DIFFRACTION' ? 
c_angle_deg             1.0   ?     ? ? 'X-RAY DIFFRACTION' ? 
c_angle_deg_na          ?     ?     ? ? 'X-RAY DIFFRACTION' ? 
c_angle_deg_prot        ?     ?     ? ? 'X-RAY DIFFRACTION' ? 
c_dihedral_angle_d      17.0  ?     ? ? 'X-RAY DIFFRACTION' ? 
c_dihedral_angle_d_na   ?     ?     ? ? 'X-RAY DIFFRACTION' ? 
c_dihedral_angle_d_prot ?     ?     ? ? 'X-RAY DIFFRACTION' ? 
c_improper_angle_d      1.41  ?     ? ? 'X-RAY DIFFRACTION' ? 
c_improper_angle_d_na   ?     ?     ? ? 'X-RAY DIFFRACTION' ? 
c_improper_angle_d_prot ?     ?     ? ? 'X-RAY DIFFRACTION' ? 
c_mcbond_it             0.268 ?     ? ? 'X-RAY DIFFRACTION' ? 
c_mcangle_it            0.357 0.000 ? ? 'X-RAY DIFFRACTION' ? 
c_scbond_it             0.633 0.000 ? ? 'X-RAY DIFFRACTION' ? 
c_scangle_it            0.912 0.000 ? ? 'X-RAY DIFFRACTION' ? 
# 
_refine_ls_shell.pdbx_total_number_of_bins_used   6 
_refine_ls_shell.d_res_high                       1.05 
_refine_ls_shell.d_res_low                        1.12 
_refine_ls_shell.number_reflns_R_work             1841 
_refine_ls_shell.R_factor_R_work                  0.298 
_refine_ls_shell.percent_reflns_obs               56.0 
_refine_ls_shell.R_factor_R_free                  0.323 
_refine_ls_shell.R_factor_R_free_error            0.023 
_refine_ls_shell.percent_reflns_R_free            9.5 
_refine_ls_shell.number_reflns_R_free             194 
_refine_ls_shell.redundancy_reflns_obs            ? 
_refine_ls_shell.pdbx_refine_id                   'X-RAY DIFFRACTION' 
_refine_ls_shell.number_reflns_all                ? 
_refine_ls_shell.R_factor_all                     ? 
# 
loop_
_pdbx_xplor_file.serial_no 
_pdbx_xplor_file.param_file 
_pdbx_xplor_file.topol_file 
_pdbx_xplor_file.pdbx_refine_id 
1 CNS_TOPPAR:DNA-RNA_REP.PARAM CNS_TOPPAR:DNA-RNA.TOP  'X-RAY DIFFRACTION' 
2 CNS_TOPPAR:WATER_REP.PARAM   CNS_TOPPAR:DNA-RNA.LINK 'X-RAY DIFFRACTION' 
3 CNS_TOPPAR:ION.PARAM         CNS_TOPPAR:WATER.TOP    'X-RAY DIFFRACTION' 
4 ?                            CNS_TOPPAR:ION.TOP      'X-RAY DIFFRACTION' 
# 
_struct.entry_id                  1ZF7 
_struct.title                     'GAC Duplex B-DNA' 
_struct.pdbx_model_details        ? 
_struct.pdbx_CASP_flag            ? 
_struct.pdbx_model_type_details   ? 
# 
_struct_keywords.text            'Crystallographic Screen, DNA Structure, Holliday Junction, Molecular Structure, DNA' 
_struct_keywords.entry_id        1ZF7 
_struct_keywords.pdbx_keywords   DNA 
# 
loop_
_struct_asym.id 
_struct_asym.pdbx_blank_PDB_chainid_flag 
_struct_asym.pdbx_modified 
_struct_asym.entity_id 
_struct_asym.details 
A N N 1 ? 
B N N 1 ? 
C N N 2 ? 
D N N 2 ? 
E N N 3 ? 
F N N 2 ? 
G N N 4 ? 
H N N 4 ? 
# 
_struct_ref.id                         1 
_struct_ref.entity_id                  1 
_struct_ref.db_name                    PDB 
_struct_ref.db_code                    1ZF7 
_struct_ref.pdbx_db_accession          1ZF7 
_struct_ref.pdbx_db_isoform            ? 
_struct_ref.pdbx_seq_one_letter_code   ? 
_struct_ref.pdbx_align_begin           ? 
# 
loop_
_struct_ref_seq.align_id 
_struct_ref_seq.ref_id 
_struct_ref_seq.pdbx_PDB_id_code 
_struct_ref_seq.pdbx_strand_id 
_struct_ref_seq.seq_align_beg 
_struct_ref_seq.pdbx_seq_align_beg_ins_code 
_struct_ref_seq.seq_align_end 
_struct_ref_seq.pdbx_seq_align_end_ins_code 
_struct_ref_seq.pdbx_db_accession 
_struct_ref_seq.db_align_beg 
_struct_ref_seq.pdbx_db_align_beg_ins_code 
_struct_ref_seq.db_align_end 
_struct_ref_seq.pdbx_db_align_end_ins_code 
_struct_ref_seq.pdbx_auth_seq_align_beg 
_struct_ref_seq.pdbx_auth_seq_align_end 
1 1 1ZF7 A 1 ? 10 ? 1ZF7 1  ? 10 ? 1  10 
2 1 1ZF7 B 1 ? 10 ? 1ZF7 11 ? 20 ? 11 20 
# 
_pdbx_struct_assembly.id                   1 
_pdbx_struct_assembly.details              author_defined_assembly 
_pdbx_struct_assembly.method_details       ? 
_pdbx_struct_assembly.oligomeric_details   dimeric 
_pdbx_struct_assembly.oligomeric_count     2 
# 
_pdbx_struct_assembly_gen.assembly_id       1 
_pdbx_struct_assembly_gen.oper_expression   1 
_pdbx_struct_assembly_gen.asym_id_list      A,B,C,D,E,F,G,H 
# 
_pdbx_struct_oper_list.id                   1 
_pdbx_struct_oper_list.type                 'identity operation' 
_pdbx_struct_oper_list.name                 1_555 
_pdbx_struct_oper_list.symmetry_operation   x,y,z 
_pdbx_struct_oper_list.matrix[1][1]         1.0000000000 
_pdbx_struct_oper_list.matrix[1][2]         0.0000000000 
_pdbx_struct_oper_list.matrix[1][3]         0.0000000000 
_pdbx_struct_oper_list.vector[1]            0.0000000000 
_pdbx_struct_oper_list.matrix[2][1]         0.0000000000 
_pdbx_struct_oper_list.matrix[2][2]         1.0000000000 
_pdbx_struct_oper_list.matrix[2][3]         0.0000000000 
_pdbx_struct_oper_list.vector[2]            0.0000000000 
_pdbx_struct_oper_list.matrix[3][1]         0.0000000000 
_pdbx_struct_oper_list.matrix[3][2]         0.0000000000 
_pdbx_struct_oper_list.matrix[3][3]         1.0000000000 
_pdbx_struct_oper_list.vector[3]            0.0000000000 
# 
_struct_biol.id                    1 
_struct_biol.pdbx_parent_biol_id   ? 
_struct_biol.details               ? 
# 
loop_
_struct_conn.id 
_struct_conn.conn_type_id 
_struct_conn.pdbx_leaving_atom_flag 
_struct_conn.pdbx_PDB_id 
_struct_conn.ptnr1_label_asym_id 
_struct_conn.ptnr1_label_comp_id 
_struct_conn.ptnr1_label_seq_id 
_struct_conn.ptnr1_label_atom_id 
_struct_conn.pdbx_ptnr1_label_alt_id 
_struct_conn.pdbx_ptnr1_PDB_ins_code 
_struct_conn.pdbx_ptnr1_standard_comp_id 
_struct_conn.ptnr1_symmetry 
_struct_conn.ptnr2_label_asym_id 
_struct_conn.ptnr2_label_comp_id 
_struct_conn.ptnr2_label_seq_id 
_struct_conn.ptnr2_label_atom_id 
_struct_conn.pdbx_ptnr2_label_alt_id 
_struct_conn.pdbx_ptnr2_PDB_ins_code 
_struct_conn.ptnr1_auth_asym_id 
_struct_conn.ptnr1_auth_comp_id 
_struct_conn.ptnr1_auth_seq_id 
_struct_conn.ptnr2_auth_asym_id 
_struct_conn.ptnr2_auth_comp_id 
_struct_conn.ptnr2_auth_seq_id 
_struct_conn.ptnr2_symmetry 
_struct_conn.pdbx_ptnr3_label_atom_id 
_struct_conn.pdbx_ptnr3_label_seq_id 
_struct_conn.pdbx_ptnr3_label_comp_id 
_struct_conn.pdbx_ptnr3_label_asym_id 
_struct_conn.pdbx_ptnr3_label_alt_id 
_struct_conn.pdbx_ptnr3_PDB_ins_code 
_struct_conn.details 
_struct_conn.pdbx_dist_value 
_struct_conn.pdbx_value_order 
_struct_conn.pdbx_role 
metalc1  metalc ? ? A DG 3  OP2 ? ? ? 1_555 D CA  .  CA  ? ? A DG 3  A CA  23 1_555 ? ? ? ? ? ? ?            2.274 ? ? 
metalc2  metalc ? ? C CA .  CA  ? ? ? 1_555 G HOH .  O   ? ? A CA 22 A HOH 27 1_555 ? ? ? ? ? ? ?            2.520 ? ? 
metalc3  metalc ? ? C CA .  CA  ? ? ? 1_555 G HOH .  O   ? ? A CA 22 A HOH 28 1_555 ? ? ? ? ? ? ?            2.331 ? ? 
metalc4  metalc ? ? C CA .  CA  ? ? ? 1_555 G HOH .  O   ? ? A CA 22 A HOH 29 1_555 ? ? ? ? ? ? ?            2.512 ? ? 
metalc5  metalc ? ? C CA .  CA  ? ? ? 1_555 G HOH .  O   ? ? A CA 22 A HOH 30 1_555 ? ? ? ? ? ? ?            2.537 ? ? 
metalc6  metalc ? ? C CA .  CA  ? ? ? 1_555 G HOH .  O   ? ? A CA 22 A HOH 31 1_555 ? ? ? ? ? ? ?            2.441 ? ? 
metalc7  metalc ? ? C CA .  CA  ? ? ? 1_555 G HOH .  O   ? ? A CA 22 A HOH 35 1_555 ? ? ? ? ? ? ?            2.529 ? ? 
metalc8  metalc ? ? D CA .  CA  ? ? ? 1_555 G HOH .  O   ? ? A CA 23 A HOH 32 1_555 ? ? ? ? ? ? ?            2.502 ? ? 
metalc9  metalc ? ? D CA .  CA  ? ? ? 1_555 B DC  8  OP1 ? ? A CA 23 B DC  18 8_554 ? ? ? ? ? ? ?            2.449 ? ? 
metalc10 metalc ? ? E NA .  NA  ? ? ? 1_555 G HOH .  O   ? ? A NA 24 A HOH 45 1_555 ? ? ? ? ? ? ?            2.635 ? ? 
metalc11 metalc ? ? B DC 8  OP2 ? ? ? 1_555 F CA  .  CA  ? ? B DC 18 B CA  21 1_555 ? ? ? ? ? ? ?            2.280 ? ? 
metalc12 metalc ? ? F CA .  CA  ? ? ? 1_555 H HOH .  O   ? ? B CA 21 B HOH 25 1_555 ? ? ? ? ? ? ?            2.477 ? ? 
metalc13 metalc ? ? F CA .  CA  ? ? ? 1_555 H HOH .  O   ? ? B CA 21 B HOH 26 1_555 ? ? ? ? ? ? ?            2.455 ? ? 
metalc14 metalc ? ? F CA .  CA  ? ? ? 1_555 H HOH .  O   ? ? B CA 21 B HOH 33 1_555 ? ? ? ? ? ? ?            2.282 ? ? 
metalc15 metalc ? ? F CA .  CA  ? ? ? 1_555 H HOH .  O   ? ? B CA 21 B HOH 34 1_555 ? ? ? ? ? ? ?            2.455 ? ? 
metalc16 metalc ? ? F CA .  CA  ? ? ? 1_555 H HOH .  O   ? ? B CA 21 B HOH 36 1_555 ? ? ? ? ? ? ?            2.482 ? ? 
hydrog1  hydrog ? ? A DC 1  N3  ? ? ? 1_555 B DG  10 N1  ? ? A DC 1  B DG  20 1_555 ? ? ? ? ? ? WATSON-CRICK ?     ? ? 
hydrog2  hydrog ? ? A DC 1  N4  ? ? ? 1_555 B DG  10 O6  ? ? A DC 1  B DG  20 1_555 ? ? ? ? ? ? WATSON-CRICK ?     ? ? 
hydrog3  hydrog ? ? A DC 1  O2  ? ? ? 1_555 B DG  10 N2  ? ? A DC 1  B DG  20 1_555 ? ? ? ? ? ? WATSON-CRICK ?     ? ? 
hydrog4  hydrog ? ? A DC 2  N3  ? ? ? 1_555 B DG  9  N1  ? ? A DC 2  B DG  19 1_555 ? ? ? ? ? ? WATSON-CRICK ?     ? ? 
hydrog5  hydrog ? ? A DC 2  N4  ? ? ? 1_555 B DG  9  O6  ? ? A DC 2  B DG  19 1_555 ? ? ? ? ? ? WATSON-CRICK ?     ? ? 
hydrog6  hydrog ? ? A DC 2  O2  ? ? ? 1_555 B DG  9  N2  ? ? A DC 2  B DG  19 1_555 ? ? ? ? ? ? WATSON-CRICK ?     ? ? 
hydrog7  hydrog ? ? A DG 3  N1  ? ? ? 1_555 B DC  8  N3  ? ? A DG 3  B DC  18 1_555 ? ? ? ? ? ? WATSON-CRICK ?     ? ? 
hydrog8  hydrog ? ? A DG 3  N2  ? ? ? 1_555 B DC  8  O2  ? ? A DG 3  B DC  18 1_555 ? ? ? ? ? ? WATSON-CRICK ?     ? ? 
hydrog9  hydrog ? ? A DG 3  O6  ? ? ? 1_555 B DC  8  N4  ? ? A DG 3  B DC  18 1_555 ? ? ? ? ? ? WATSON-CRICK ?     ? ? 
hydrog10 hydrog ? ? A DT 4  N3  ? ? ? 1_555 B DA  7  N1  ? ? A DT 4  B DA  17 1_555 ? ? ? ? ? ? WATSON-CRICK ?     ? ? 
hydrog11 hydrog ? ? A DT 4  O4  ? ? ? 1_555 B DA  7  N6  ? ? A DT 4  B DA  17 1_555 ? ? ? ? ? ? WATSON-CRICK ?     ? ? 
hydrog12 hydrog ? ? A DC 5  N3  ? ? ? 1_555 B DG  6  N1  ? ? A DC 5  B DG  16 1_555 ? ? ? ? ? ? WATSON-CRICK ?     ? ? 
hydrog13 hydrog ? ? A DC 5  N4  ? ? ? 1_555 B DG  6  O6  ? ? A DC 5  B DG  16 1_555 ? ? ? ? ? ? WATSON-CRICK ?     ? ? 
hydrog14 hydrog ? ? A DC 5  O2  ? ? ? 1_555 B DG  6  N2  ? ? A DC 5  B DG  16 1_555 ? ? ? ? ? ? WATSON-CRICK ?     ? ? 
hydrog15 hydrog ? ? A DG 6  N1  ? ? ? 1_555 B DC  5  N3  ? ? A DG 6  B DC  15 1_555 ? ? ? ? ? ? WATSON-CRICK ?     ? ? 
hydrog16 hydrog ? ? A DG 6  N2  ? ? ? 1_555 B DC  5  O2  ? ? A DG 6  B DC  15 1_555 ? ? ? ? ? ? WATSON-CRICK ?     ? ? 
hydrog17 hydrog ? ? A DG 6  O6  ? ? ? 1_555 B DC  5  N4  ? ? A DG 6  B DC  15 1_555 ? ? ? ? ? ? WATSON-CRICK ?     ? ? 
hydrog18 hydrog ? ? A DA 7  N1  ? ? ? 1_555 B DT  4  N3  ? ? A DA 7  B DT  14 1_555 ? ? ? ? ? ? WATSON-CRICK ?     ? ? 
hydrog19 hydrog ? ? A DA 7  N6  ? ? ? 1_555 B DT  4  O4  ? ? A DA 7  B DT  14 1_555 ? ? ? ? ? ? WATSON-CRICK ?     ? ? 
hydrog20 hydrog ? ? A DC 8  N3  ? ? ? 1_555 B DG  3  N1  ? ? A DC 8  B DG  13 1_555 ? ? ? ? ? ? WATSON-CRICK ?     ? ? 
hydrog21 hydrog ? ? A DC 8  N4  ? ? ? 1_555 B DG  3  O6  ? ? A DC 8  B DG  13 1_555 ? ? ? ? ? ? WATSON-CRICK ?     ? ? 
hydrog22 hydrog ? ? A DC 8  O2  ? ? ? 1_555 B DG  3  N2  ? ? A DC 8  B DG  13 1_555 ? ? ? ? ? ? WATSON-CRICK ?     ? ? 
hydrog23 hydrog ? ? A DG 9  N1  ? ? ? 1_555 B DC  2  N3  ? ? A DG 9  B DC  12 1_555 ? ? ? ? ? ? WATSON-CRICK ?     ? ? 
hydrog24 hydrog ? ? A DG 9  N2  ? ? ? 1_555 B DC  2  O2  ? ? A DG 9  B DC  12 1_555 ? ? ? ? ? ? WATSON-CRICK ?     ? ? 
hydrog25 hydrog ? ? A DG 9  O6  ? ? ? 1_555 B DC  2  N4  ? ? A DG 9  B DC  12 1_555 ? ? ? ? ? ? WATSON-CRICK ?     ? ? 
hydrog26 hydrog ? ? A DG 10 N1  ? ? ? 1_555 B DC  1  N3  ? ? A DG 10 B DC  11 1_555 ? ? ? ? ? ? 'DG-DC PAIR' ?     ? ? 
# 
loop_
_struct_conn_type.id 
_struct_conn_type.criteria 
_struct_conn_type.reference 
metalc ? ? 
hydrog ? ? 
# 
loop_
_pdbx_struct_conn_angle.id 
_pdbx_struct_conn_angle.ptnr1_label_atom_id 
_pdbx_struct_conn_angle.ptnr1_label_alt_id 
_pdbx_struct_conn_angle.ptnr1_label_asym_id 
_pdbx_struct_conn_angle.ptnr1_label_comp_id 
_pdbx_struct_conn_angle.ptnr1_label_seq_id 
_pdbx_struct_conn_angle.ptnr1_auth_atom_id 
_pdbx_struct_conn_angle.ptnr1_auth_asym_id 
_pdbx_struct_conn_angle.ptnr1_auth_comp_id 
_pdbx_struct_conn_angle.ptnr1_auth_seq_id 
_pdbx_struct_conn_angle.ptnr1_PDB_ins_code 
_pdbx_struct_conn_angle.ptnr1_symmetry 
_pdbx_struct_conn_angle.ptnr2_label_atom_id 
_pdbx_struct_conn_angle.ptnr2_label_alt_id 
_pdbx_struct_conn_angle.ptnr2_label_asym_id 
_pdbx_struct_conn_angle.ptnr2_label_comp_id 
_pdbx_struct_conn_angle.ptnr2_label_seq_id 
_pdbx_struct_conn_angle.ptnr2_auth_atom_id 
_pdbx_struct_conn_angle.ptnr2_auth_asym_id 
_pdbx_struct_conn_angle.ptnr2_auth_comp_id 
_pdbx_struct_conn_angle.ptnr2_auth_seq_id 
_pdbx_struct_conn_angle.ptnr2_PDB_ins_code 
_pdbx_struct_conn_angle.ptnr2_symmetry 
_pdbx_struct_conn_angle.ptnr3_label_atom_id 
_pdbx_struct_conn_angle.ptnr3_label_alt_id 
_pdbx_struct_conn_angle.ptnr3_label_asym_id 
_pdbx_struct_conn_angle.ptnr3_label_comp_id 
_pdbx_struct_conn_angle.ptnr3_label_seq_id 
_pdbx_struct_conn_angle.ptnr3_auth_atom_id 
_pdbx_struct_conn_angle.ptnr3_auth_asym_id 
_pdbx_struct_conn_angle.ptnr3_auth_comp_id 
_pdbx_struct_conn_angle.ptnr3_auth_seq_id 
_pdbx_struct_conn_angle.ptnr3_PDB_ins_code 
_pdbx_struct_conn_angle.ptnr3_symmetry 
_pdbx_struct_conn_angle.value 
_pdbx_struct_conn_angle.value_esd 
1  OP2 ? A DG  3 ? A DG  3  ? 1_555 CA ? D CA . ? A CA 23 ? 1_555 O   ? G HOH . ? A HOH 32 ? 1_555 104.1 ? 
2  OP2 ? A DG  3 ? A DG  3  ? 1_555 CA ? D CA . ? A CA 23 ? 1_555 OP1 ? B DC  8 ? B DC  18 ? 8_554 82.5  ? 
3  O   ? G HOH . ? A HOH 32 ? 1_555 CA ? D CA . ? A CA 23 ? 1_555 OP1 ? B DC  8 ? B DC  18 ? 8_554 76.1  ? 
4  O   ? G HOH . ? A HOH 27 ? 1_555 CA ? C CA . ? A CA 22 ? 1_555 O   ? G HOH . ? A HOH 28 ? 1_555 72.1  ? 
5  O   ? G HOH . ? A HOH 27 ? 1_555 CA ? C CA . ? A CA 22 ? 1_555 O   ? G HOH . ? A HOH 29 ? 1_555 142.9 ? 
6  O   ? G HOH . ? A HOH 28 ? 1_555 CA ? C CA . ? A CA 22 ? 1_555 O   ? G HOH . ? A HOH 29 ? 1_555 142.3 ? 
7  O   ? G HOH . ? A HOH 27 ? 1_555 CA ? C CA . ? A CA 22 ? 1_555 O   ? G HOH . ? A HOH 30 ? 1_555 81.7  ? 
8  O   ? G HOH . ? A HOH 28 ? 1_555 CA ? C CA . ? A CA 22 ? 1_555 O   ? G HOH . ? A HOH 30 ? 1_555 142.1 ? 
9  O   ? G HOH . ? A HOH 29 ? 1_555 CA ? C CA . ? A CA 22 ? 1_555 O   ? G HOH . ? A HOH 30 ? 1_555 72.5  ? 
10 O   ? G HOH . ? A HOH 27 ? 1_555 CA ? C CA . ? A CA 22 ? 1_555 O   ? G HOH . ? A HOH 31 ? 1_555 112.8 ? 
11 O   ? G HOH . ? A HOH 28 ? 1_555 CA ? C CA . ? A CA 22 ? 1_555 O   ? G HOH . ? A HOH 31 ? 1_555 69.7  ? 
12 O   ? G HOH . ? A HOH 29 ? 1_555 CA ? C CA . ? A CA 22 ? 1_555 O   ? G HOH . ? A HOH 31 ? 1_555 79.9  ? 
13 O   ? G HOH . ? A HOH 30 ? 1_555 CA ? C CA . ? A CA 22 ? 1_555 O   ? G HOH . ? A HOH 31 ? 1_555 147.6 ? 
14 O   ? G HOH . ? A HOH 27 ? 1_555 CA ? C CA . ? A CA 22 ? 1_555 O   ? G HOH . ? A HOH 35 ? 1_555 73.2  ? 
15 O   ? G HOH . ? A HOH 28 ? 1_555 CA ? C CA . ? A CA 22 ? 1_555 O   ? G HOH . ? A HOH 35 ? 1_555 114.2 ? 
16 O   ? G HOH . ? A HOH 29 ? 1_555 CA ? C CA . ? A CA 22 ? 1_555 O   ? G HOH . ? A HOH 35 ? 1_555 77.2  ? 
17 O   ? G HOH . ? A HOH 30 ? 1_555 CA ? C CA . ? A CA 22 ? 1_555 O   ? G HOH . ? A HOH 35 ? 1_555 82.3  ? 
18 O   ? G HOH . ? A HOH 31 ? 1_555 CA ? C CA . ? A CA 22 ? 1_555 O   ? G HOH . ? A HOH 35 ? 1_555 75.1  ? 
19 OP2 ? B DC  8 ? B DC  18 ? 1_555 CA ? F CA . ? B CA 21 ? 1_555 O   ? H HOH . ? B HOH 25 ? 1_555 83.8  ? 
20 OP2 ? B DC  8 ? B DC  18 ? 1_555 CA ? F CA . ? B CA 21 ? 1_555 O   ? H HOH . ? B HOH 26 ? 1_555 171.7 ? 
21 O   ? H HOH . ? B HOH 25 ? 1_555 CA ? F CA . ? B CA 21 ? 1_555 O   ? H HOH . ? B HOH 26 ? 1_555 88.2  ? 
22 OP2 ? B DC  8 ? B DC  18 ? 1_555 CA ? F CA . ? B CA 21 ? 1_555 O   ? H HOH . ? B HOH 33 ? 1_555 102.8 ? 
23 O   ? H HOH . ? B HOH 25 ? 1_555 CA ? F CA . ? B CA 21 ? 1_555 O   ? H HOH . ? B HOH 33 ? 1_555 75.1  ? 
24 O   ? H HOH . ? B HOH 26 ? 1_555 CA ? F CA . ? B CA 21 ? 1_555 O   ? H HOH . ? B HOH 33 ? 1_555 72.9  ? 
25 OP2 ? B DC  8 ? B DC  18 ? 1_555 CA ? F CA . ? B CA 21 ? 1_555 O   ? H HOH . ? B HOH 34 ? 1_555 90.3  ? 
26 O   ? H HOH . ? B HOH 25 ? 1_555 CA ? F CA . ? B CA 21 ? 1_555 O   ? H HOH . ? B HOH 34 ? 1_555 71.4  ? 
27 O   ? H HOH . ? B HOH 26 ? 1_555 CA ? F CA . ? B CA 21 ? 1_555 O   ? H HOH . ? B HOH 34 ? 1_555 89.2  ? 
28 O   ? H HOH . ? B HOH 33 ? 1_555 CA ? F CA . ? B CA 21 ? 1_555 O   ? H HOH . ? B HOH 34 ? 1_555 142.4 ? 
29 OP2 ? B DC  8 ? B DC  18 ? 1_555 CA ? F CA . ? B CA 21 ? 1_555 O   ? H HOH . ? B HOH 36 ? 1_555 103.0 ? 
30 O   ? H HOH . ? B HOH 25 ? 1_555 CA ? F CA . ? B CA 21 ? 1_555 O   ? H HOH . ? B HOH 36 ? 1_555 147.0 ? 
31 O   ? H HOH . ? B HOH 26 ? 1_555 CA ? F CA . ? B CA 21 ? 1_555 O   ? H HOH . ? B HOH 36 ? 1_555 84.9  ? 
32 O   ? H HOH . ? B HOH 33 ? 1_555 CA ? F CA . ? B CA 21 ? 1_555 O   ? H HOH . ? B HOH 36 ? 1_555 132.3 ? 
33 O   ? H HOH . ? B HOH 34 ? 1_555 CA ? F CA . ? B CA 21 ? 1_555 O   ? H HOH . ? B HOH 36 ? 1_555 76.3  ? 
# 
loop_
_struct_site.id 
_struct_site.pdbx_evidence_code 
_struct_site.pdbx_auth_asym_id 
_struct_site.pdbx_auth_comp_id 
_struct_site.pdbx_auth_seq_id 
_struct_site.pdbx_auth_ins_code 
_struct_site.pdbx_num_residues 
_struct_site.details 
AC1 Software B CA 21 ? 6 'BINDING SITE FOR RESIDUE CA B 21' 
AC2 Software A CA 22 ? 6 'BINDING SITE FOR RESIDUE CA A 22' 
AC3 Software A CA 23 ? 3 'BINDING SITE FOR RESIDUE CA A 23' 
AC4 Software A NA 24 ? 1 'BINDING SITE FOR RESIDUE NA A 24' 
# 
loop_
_struct_site_gen.id 
_struct_site_gen.site_id 
_struct_site_gen.pdbx_num_res 
_struct_site_gen.label_comp_id 
_struct_site_gen.label_asym_id 
_struct_site_gen.label_seq_id 
_struct_site_gen.pdbx_auth_ins_code 
_struct_site_gen.auth_comp_id 
_struct_site_gen.auth_asym_id 
_struct_site_gen.auth_seq_id 
_struct_site_gen.label_atom_id 
_struct_site_gen.label_alt_id 
_struct_site_gen.symmetry 
_struct_site_gen.details 
1  AC1 6 DC  B 8 ? DC  B 18 . ? 1_555 ? 
2  AC1 6 HOH H . ? HOH B 25 . ? 1_555 ? 
3  AC1 6 HOH H . ? HOH B 26 . ? 1_555 ? 
4  AC1 6 HOH H . ? HOH B 33 . ? 1_555 ? 
5  AC1 6 HOH H . ? HOH B 34 . ? 1_555 ? 
6  AC1 6 HOH H . ? HOH B 36 . ? 1_555 ? 
7  AC2 6 HOH G . ? HOH A 27 . ? 1_555 ? 
8  AC2 6 HOH G . ? HOH A 28 . ? 1_555 ? 
9  AC2 6 HOH G . ? HOH A 29 . ? 1_555 ? 
10 AC2 6 HOH G . ? HOH A 30 . ? 1_555 ? 
11 AC2 6 HOH G . ? HOH A 31 . ? 1_555 ? 
12 AC2 6 HOH G . ? HOH A 35 . ? 1_555 ? 
13 AC3 3 DG  A 3 ? DG  A 3  . ? 1_555 ? 
14 AC3 3 HOH G . ? HOH A 32 . ? 1_555 ? 
15 AC3 3 DC  B 8 ? DC  B 18 . ? 8_554 ? 
16 AC4 1 HOH G . ? HOH A 45 . ? 1_555 ? 
# 
loop_
_chem_comp_atom.comp_id 
_chem_comp_atom.atom_id 
_chem_comp_atom.type_symbol 
_chem_comp_atom.pdbx_aromatic_flag 
_chem_comp_atom.pdbx_stereo_config 
_chem_comp_atom.pdbx_ordinal 
CA  CA     CA N N 1   
DA  OP3    O  N N 2   
DA  P      P  N N 3   
DA  OP1    O  N N 4   
DA  OP2    O  N N 5   
DA  "O5'"  O  N N 6   
DA  "C5'"  C  N N 7   
DA  "C4'"  C  N R 8   
DA  "O4'"  O  N N 9   
DA  "C3'"  C  N S 10  
DA  "O3'"  O  N N 11  
DA  "C2'"  C  N N 12  
DA  "C1'"  C  N R 13  
DA  N9     N  Y N 14  
DA  C8     C  Y N 15  
DA  N7     N  Y N 16  
DA  C5     C  Y N 17  
DA  C6     C  Y N 18  
DA  N6     N  N N 19  
DA  N1     N  Y N 20  
DA  C2     C  Y N 21  
DA  N3     N  Y N 22  
DA  C4     C  Y N 23  
DA  HOP3   H  N N 24  
DA  HOP2   H  N N 25  
DA  "H5'"  H  N N 26  
DA  "H5''" H  N N 27  
DA  "H4'"  H  N N 28  
DA  "H3'"  H  N N 29  
DA  "HO3'" H  N N 30  
DA  "H2'"  H  N N 31  
DA  "H2''" H  N N 32  
DA  "H1'"  H  N N 33  
DA  H8     H  N N 34  
DA  H61    H  N N 35  
DA  H62    H  N N 36  
DA  H2     H  N N 37  
DC  OP3    O  N N 38  
DC  P      P  N N 39  
DC  OP1    O  N N 40  
DC  OP2    O  N N 41  
DC  "O5'"  O  N N 42  
DC  "C5'"  C  N N 43  
DC  "C4'"  C  N R 44  
DC  "O4'"  O  N N 45  
DC  "C3'"  C  N S 46  
DC  "O3'"  O  N N 47  
DC  "C2'"  C  N N 48  
DC  "C1'"  C  N R 49  
DC  N1     N  N N 50  
DC  C2     C  N N 51  
DC  O2     O  N N 52  
DC  N3     N  N N 53  
DC  C4     C  N N 54  
DC  N4     N  N N 55  
DC  C5     C  N N 56  
DC  C6     C  N N 57  
DC  HOP3   H  N N 58  
DC  HOP2   H  N N 59  
DC  "H5'"  H  N N 60  
DC  "H5''" H  N N 61  
DC  "H4'"  H  N N 62  
DC  "H3'"  H  N N 63  
DC  "HO3'" H  N N 64  
DC  "H2'"  H  N N 65  
DC  "H2''" H  N N 66  
DC  "H1'"  H  N N 67  
DC  H41    H  N N 68  
DC  H42    H  N N 69  
DC  H5     H  N N 70  
DC  H6     H  N N 71  
DG  OP3    O  N N 72  
DG  P      P  N N 73  
DG  OP1    O  N N 74  
DG  OP2    O  N N 75  
DG  "O5'"  O  N N 76  
DG  "C5'"  C  N N 77  
DG  "C4'"  C  N R 78  
DG  "O4'"  O  N N 79  
DG  "C3'"  C  N S 80  
DG  "O3'"  O  N N 81  
DG  "C2'"  C  N N 82  
DG  "C1'"  C  N R 83  
DG  N9     N  Y N 84  
DG  C8     C  Y N 85  
DG  N7     N  Y N 86  
DG  C5     C  Y N 87  
DG  C6     C  N N 88  
DG  O6     O  N N 89  
DG  N1     N  N N 90  
DG  C2     C  N N 91  
DG  N2     N  N N 92  
DG  N3     N  N N 93  
DG  C4     C  Y N 94  
DG  HOP3   H  N N 95  
DG  HOP2   H  N N 96  
DG  "H5'"  H  N N 97  
DG  "H5''" H  N N 98  
DG  "H4'"  H  N N 99  
DG  "H3'"  H  N N 100 
DG  "HO3'" H  N N 101 
DG  "H2'"  H  N N 102 
DG  "H2''" H  N N 103 
DG  "H1'"  H  N N 104 
DG  H8     H  N N 105 
DG  H1     H  N N 106 
DG  H21    H  N N 107 
DG  H22    H  N N 108 
DT  OP3    O  N N 109 
DT  P      P  N N 110 
DT  OP1    O  N N 111 
DT  OP2    O  N N 112 
DT  "O5'"  O  N N 113 
DT  "C5'"  C  N N 114 
DT  "C4'"  C  N R 115 
DT  "O4'"  O  N N 116 
DT  "C3'"  C  N S 117 
DT  "O3'"  O  N N 118 
DT  "C2'"  C  N N 119 
DT  "C1'"  C  N R 120 
DT  N1     N  N N 121 
DT  C2     C  N N 122 
DT  O2     O  N N 123 
DT  N3     N  N N 124 
DT  C4     C  N N 125 
DT  O4     O  N N 126 
DT  C5     C  N N 127 
DT  C7     C  N N 128 
DT  C6     C  N N 129 
DT  HOP3   H  N N 130 
DT  HOP2   H  N N 131 
DT  "H5'"  H  N N 132 
DT  "H5''" H  N N 133 
DT  "H4'"  H  N N 134 
DT  "H3'"  H  N N 135 
DT  "HO3'" H  N N 136 
DT  "H2'"  H  N N 137 
DT  "H2''" H  N N 138 
DT  "H1'"  H  N N 139 
DT  H3     H  N N 140 
DT  H71    H  N N 141 
DT  H72    H  N N 142 
DT  H73    H  N N 143 
DT  H6     H  N N 144 
HOH O      O  N N 145 
HOH H1     H  N N 146 
HOH H2     H  N N 147 
NA  NA     NA N N 148 
# 
loop_
_chem_comp_bond.comp_id 
_chem_comp_bond.atom_id_1 
_chem_comp_bond.atom_id_2 
_chem_comp_bond.value_order 
_chem_comp_bond.pdbx_aromatic_flag 
_chem_comp_bond.pdbx_stereo_config 
_chem_comp_bond.pdbx_ordinal 
DA  OP3   P      sing N N 1   
DA  OP3   HOP3   sing N N 2   
DA  P     OP1    doub N N 3   
DA  P     OP2    sing N N 4   
DA  P     "O5'"  sing N N 5   
DA  OP2   HOP2   sing N N 6   
DA  "O5'" "C5'"  sing N N 7   
DA  "C5'" "C4'"  sing N N 8   
DA  "C5'" "H5'"  sing N N 9   
DA  "C5'" "H5''" sing N N 10  
DA  "C4'" "O4'"  sing N N 11  
DA  "C4'" "C3'"  sing N N 12  
DA  "C4'" "H4'"  sing N N 13  
DA  "O4'" "C1'"  sing N N 14  
DA  "C3'" "O3'"  sing N N 15  
DA  "C3'" "C2'"  sing N N 16  
DA  "C3'" "H3'"  sing N N 17  
DA  "O3'" "HO3'" sing N N 18  
DA  "C2'" "C1'"  sing N N 19  
DA  "C2'" "H2'"  sing N N 20  
DA  "C2'" "H2''" sing N N 21  
DA  "C1'" N9     sing N N 22  
DA  "C1'" "H1'"  sing N N 23  
DA  N9    C8     sing Y N 24  
DA  N9    C4     sing Y N 25  
DA  C8    N7     doub Y N 26  
DA  C8    H8     sing N N 27  
DA  N7    C5     sing Y N 28  
DA  C5    C6     sing Y N 29  
DA  C5    C4     doub Y N 30  
DA  C6    N6     sing N N 31  
DA  C6    N1     doub Y N 32  
DA  N6    H61    sing N N 33  
DA  N6    H62    sing N N 34  
DA  N1    C2     sing Y N 35  
DA  C2    N3     doub Y N 36  
DA  C2    H2     sing N N 37  
DA  N3    C4     sing Y N 38  
DC  OP3   P      sing N N 39  
DC  OP3   HOP3   sing N N 40  
DC  P     OP1    doub N N 41  
DC  P     OP2    sing N N 42  
DC  P     "O5'"  sing N N 43  
DC  OP2   HOP2   sing N N 44  
DC  "O5'" "C5'"  sing N N 45  
DC  "C5'" "C4'"  sing N N 46  
DC  "C5'" "H5'"  sing N N 47  
DC  "C5'" "H5''" sing N N 48  
DC  "C4'" "O4'"  sing N N 49  
DC  "C4'" "C3'"  sing N N 50  
DC  "C4'" "H4'"  sing N N 51  
DC  "O4'" "C1'"  sing N N 52  
DC  "C3'" "O3'"  sing N N 53  
DC  "C3'" "C2'"  sing N N 54  
DC  "C3'" "H3'"  sing N N 55  
DC  "O3'" "HO3'" sing N N 56  
DC  "C2'" "C1'"  sing N N 57  
DC  "C2'" "H2'"  sing N N 58  
DC  "C2'" "H2''" sing N N 59  
DC  "C1'" N1     sing N N 60  
DC  "C1'" "H1'"  sing N N 61  
DC  N1    C2     sing N N 62  
DC  N1    C6     sing N N 63  
DC  C2    O2     doub N N 64  
DC  C2    N3     sing N N 65  
DC  N3    C4     doub N N 66  
DC  C4    N4     sing N N 67  
DC  C4    C5     sing N N 68  
DC  N4    H41    sing N N 69  
DC  N4    H42    sing N N 70  
DC  C5    C6     doub N N 71  
DC  C5    H5     sing N N 72  
DC  C6    H6     sing N N 73  
DG  OP3   P      sing N N 74  
DG  OP3   HOP3   sing N N 75  
DG  P     OP1    doub N N 76  
DG  P     OP2    sing N N 77  
DG  P     "O5'"  sing N N 78  
DG  OP2   HOP2   sing N N 79  
DG  "O5'" "C5'"  sing N N 80  
DG  "C5'" "C4'"  sing N N 81  
DG  "C5'" "H5'"  sing N N 82  
DG  "C5'" "H5''" sing N N 83  
DG  "C4'" "O4'"  sing N N 84  
DG  "C4'" "C3'"  sing N N 85  
DG  "C4'" "H4'"  sing N N 86  
DG  "O4'" "C1'"  sing N N 87  
DG  "C3'" "O3'"  sing N N 88  
DG  "C3'" "C2'"  sing N N 89  
DG  "C3'" "H3'"  sing N N 90  
DG  "O3'" "HO3'" sing N N 91  
DG  "C2'" "C1'"  sing N N 92  
DG  "C2'" "H2'"  sing N N 93  
DG  "C2'" "H2''" sing N N 94  
DG  "C1'" N9     sing N N 95  
DG  "C1'" "H1'"  sing N N 96  
DG  N9    C8     sing Y N 97  
DG  N9    C4     sing Y N 98  
DG  C8    N7     doub Y N 99  
DG  C8    H8     sing N N 100 
DG  N7    C5     sing Y N 101 
DG  C5    C6     sing N N 102 
DG  C5    C4     doub Y N 103 
DG  C6    O6     doub N N 104 
DG  C6    N1     sing N N 105 
DG  N1    C2     sing N N 106 
DG  N1    H1     sing N N 107 
DG  C2    N2     sing N N 108 
DG  C2    N3     doub N N 109 
DG  N2    H21    sing N N 110 
DG  N2    H22    sing N N 111 
DG  N3    C4     sing N N 112 
DT  OP3   P      sing N N 113 
DT  OP3   HOP3   sing N N 114 
DT  P     OP1    doub N N 115 
DT  P     OP2    sing N N 116 
DT  P     "O5'"  sing N N 117 
DT  OP2   HOP2   sing N N 118 
DT  "O5'" "C5'"  sing N N 119 
DT  "C5'" "C4'"  sing N N 120 
DT  "C5'" "H5'"  sing N N 121 
DT  "C5'" "H5''" sing N N 122 
DT  "C4'" "O4'"  sing N N 123 
DT  "C4'" "C3'"  sing N N 124 
DT  "C4'" "H4'"  sing N N 125 
DT  "O4'" "C1'"  sing N N 126 
DT  "C3'" "O3'"  sing N N 127 
DT  "C3'" "C2'"  sing N N 128 
DT  "C3'" "H3'"  sing N N 129 
DT  "O3'" "HO3'" sing N N 130 
DT  "C2'" "C1'"  sing N N 131 
DT  "C2'" "H2'"  sing N N 132 
DT  "C2'" "H2''" sing N N 133 
DT  "C1'" N1     sing N N 134 
DT  "C1'" "H1'"  sing N N 135 
DT  N1    C2     sing N N 136 
DT  N1    C6     sing N N 137 
DT  C2    O2     doub N N 138 
DT  C2    N3     sing N N 139 
DT  N3    C4     sing N N 140 
DT  N3    H3     sing N N 141 
DT  C4    O4     doub N N 142 
DT  C4    C5     sing N N 143 
DT  C5    C7     sing N N 144 
DT  C5    C6     doub N N 145 
DT  C7    H71    sing N N 146 
DT  C7    H72    sing N N 147 
DT  C7    H73    sing N N 148 
DT  C6    H6     sing N N 149 
HOH O     H1     sing N N 150 
HOH O     H2     sing N N 151 
# 
_ndb_struct_conf_na.entry_id   1ZF7 
_ndb_struct_conf_na.feature    'b-form double helix' 
# 
loop_
_ndb_struct_na_base_pair.model_number 
_ndb_struct_na_base_pair.i_label_asym_id 
_ndb_struct_na_base_pair.i_label_comp_id 
_ndb_struct_na_base_pair.i_label_seq_id 
_ndb_struct_na_base_pair.i_symmetry 
_ndb_struct_na_base_pair.j_label_asym_id 
_ndb_struct_na_base_pair.j_label_comp_id 
_ndb_struct_na_base_pair.j_label_seq_id 
_ndb_struct_na_base_pair.j_symmetry 
_ndb_struct_na_base_pair.shear 
_ndb_struct_na_base_pair.stretch 
_ndb_struct_na_base_pair.stagger 
_ndb_struct_na_base_pair.buckle 
_ndb_struct_na_base_pair.propeller 
_ndb_struct_na_base_pair.opening 
_ndb_struct_na_base_pair.pair_number 
_ndb_struct_na_base_pair.pair_name 
_ndb_struct_na_base_pair.i_auth_asym_id 
_ndb_struct_na_base_pair.i_auth_seq_id 
_ndb_struct_na_base_pair.i_PDB_ins_code 
_ndb_struct_na_base_pair.j_auth_asym_id 
_ndb_struct_na_base_pair.j_auth_seq_id 
_ndb_struct_na_base_pair.j_PDB_ins_code 
_ndb_struct_na_base_pair.hbond_type_28 
_ndb_struct_na_base_pair.hbond_type_12 
1 A DC 1  1_555 B DG 10 1_555 0.048  -0.007 0.161  -10.028 -20.933 -5.076 1  A_DC1:DG20_B  A 1  ? B 20 ? 19 1 
1 A DC 2  1_555 B DG 9  1_555 -0.140 -0.160 -0.007 -13.930 -0.920  -8.240 2  A_DC2:DG19_B  A 2  ? B 19 ? 19 1 
1 A DG 3  1_555 B DC 8  1_555 -0.087 -0.106 0.119  1.375   -10.645 -0.789 3  A_DG3:DC18_B  A 3  ? B 18 ? 19 1 
1 A DT 4  1_555 B DA 7  1_555 -0.201 -0.084 0.115  0.531   -14.755 -7.388 4  A_DT4:DA17_B  A 4  ? B 17 ? 20 1 
1 A DC 5  1_555 B DG 6  1_555 0.060  -0.121 -0.049 -10.501 -12.364 -0.134 5  A_DC5:DG16_B  A 5  ? B 16 ? 19 1 
1 A DG 6  1_555 B DC 5  1_555 -0.288 -0.107 -0.165 -2.439  -11.258 -0.748 6  A_DG6:DC15_B  A 6  ? B 15 ? 19 1 
1 A DA 7  1_555 B DT 4  1_555 0.168  -0.070 0.237  5.513   -10.984 -0.979 7  A_DA7:DT14_B  A 7  ? B 14 ? 20 1 
1 A DC 8  1_555 B DG 3  1_555 0.149  -0.045 0.066  7.764   -14.064 -1.283 8  A_DC8:DG13_B  A 8  ? B 13 ? 19 1 
1 A DG 9  1_555 B DC 2  1_555 -0.007 0.074  0.483  14.802  -12.885 1.136  9  A_DG9:DC12_B  A 9  ? B 12 ? 19 1 
1 A DG 10 1_555 B DC 1  1_555 0.373  0.377  1.052  18.465  -22.625 7.748  10 A_DG10:DC11_B A 10 ? B 11 ? ?  1 
# 
loop_
_ndb_struct_na_base_pair_step.model_number 
_ndb_struct_na_base_pair_step.i_label_asym_id_1 
_ndb_struct_na_base_pair_step.i_label_comp_id_1 
_ndb_struct_na_base_pair_step.i_label_seq_id_1 
_ndb_struct_na_base_pair_step.i_symmetry_1 
_ndb_struct_na_base_pair_step.j_label_asym_id_1 
_ndb_struct_na_base_pair_step.j_label_comp_id_1 
_ndb_struct_na_base_pair_step.j_label_seq_id_1 
_ndb_struct_na_base_pair_step.j_symmetry_1 
_ndb_struct_na_base_pair_step.i_label_asym_id_2 
_ndb_struct_na_base_pair_step.i_label_comp_id_2 
_ndb_struct_na_base_pair_step.i_label_seq_id_2 
_ndb_struct_na_base_pair_step.i_symmetry_2 
_ndb_struct_na_base_pair_step.j_label_asym_id_2 
_ndb_struct_na_base_pair_step.j_label_comp_id_2 
_ndb_struct_na_base_pair_step.j_label_seq_id_2 
_ndb_struct_na_base_pair_step.j_symmetry_2 
_ndb_struct_na_base_pair_step.shift 
_ndb_struct_na_base_pair_step.slide 
_ndb_struct_na_base_pair_step.rise 
_ndb_struct_na_base_pair_step.tilt 
_ndb_struct_na_base_pair_step.roll 
_ndb_struct_na_base_pair_step.twist 
_ndb_struct_na_base_pair_step.x_displacement 
_ndb_struct_na_base_pair_step.y_displacement 
_ndb_struct_na_base_pair_step.helical_rise 
_ndb_struct_na_base_pair_step.inclination 
_ndb_struct_na_base_pair_step.tip 
_ndb_struct_na_base_pair_step.helical_twist 
_ndb_struct_na_base_pair_step.step_number 
_ndb_struct_na_base_pair_step.step_name 
_ndb_struct_na_base_pair_step.i_auth_asym_id_1 
_ndb_struct_na_base_pair_step.i_auth_seq_id_1 
_ndb_struct_na_base_pair_step.i_PDB_ins_code_1 
_ndb_struct_na_base_pair_step.j_auth_asym_id_1 
_ndb_struct_na_base_pair_step.j_auth_seq_id_1 
_ndb_struct_na_base_pair_step.j_PDB_ins_code_1 
_ndb_struct_na_base_pair_step.i_auth_asym_id_2 
_ndb_struct_na_base_pair_step.i_auth_seq_id_2 
_ndb_struct_na_base_pair_step.i_PDB_ins_code_2 
_ndb_struct_na_base_pair_step.j_auth_asym_id_2 
_ndb_struct_na_base_pair_step.j_auth_seq_id_2 
_ndb_struct_na_base_pair_step.j_PDB_ins_code_2 
1 A DC 1 1_555 B DG 10 1_555 A DC 2  1_555 B DG 9 1_555 0.186  0.627  3.590 1.947  0.284   40.573 0.868  -0.031 3.599 0.409   
-2.805 40.619 1 AA_DC1DC2:DG19DG20_BB  A 1 ? B 20 ? A 2  ? B 19 ? 
1 A DC 2 1_555 B DG 9  1_555 A DG 3  1_555 B DC 8 1_555 -0.543 1.166  3.220 -3.145 6.006   30.026 0.990  0.392  3.421 11.411  
5.975  30.765 2 AA_DC2DG3:DC18DG19_BB  A 2 ? B 19 ? A 3  ? B 18 ? 
1 A DG 3 1_555 B DC 8  1_555 A DT 4  1_555 B DA 7 1_555 -0.841 -0.421 3.316 0.134  2.234   32.262 -1.154 1.534  3.276 4.014   
-0.240 32.337 3 AA_DG3DT4:DA17DC18_BB  A 3 ? B 18 ? A 4  ? B 17 ? 
1 A DT 4 1_555 B DA 7  1_555 A DC 5  1_555 B DG 6 1_555 0.824  0.652  3.504 3.716  -8.028  45.254 1.568  -0.713 3.401 -10.317 
-4.775 46.065 4 AA_DT4DC5:DG16DA17_BB  A 4 ? B 17 ? A 5  ? B 16 ? 
1 A DC 5 1_555 B DG 6  1_555 A DG 6  1_555 B DC 5 1_555 -0.389 0.932  3.322 -0.775 9.685   29.706 -0.225 0.565  3.457 18.284  
1.464  31.221 5 AA_DC5DG6:DC15DG16_BB  A 5 ? B 16 ? A 6  ? B 15 ? 
1 A DG 6 1_555 B DC 5  1_555 A DA 7  1_555 B DT 4 1_555 -0.227 -0.267 3.087 -3.053 3.549   30.876 -1.131 -0.124 3.045 6.618   
5.693  31.220 6 AA_DG6DA7:DT14DC15_BB  A 6 ? B 15 ? A 7  ? B 14 ? 
1 A DA 7 1_555 B DT 4  1_555 A DC 8  1_555 B DG 3 1_555 -0.335 1.672  3.385 2.246  -13.252 46.676 3.030  0.576  2.821 -16.332 
-2.768 48.468 7 AA_DA7DC8:DG13DT14_BB  A 7 ? B 14 ? A 8  ? B 13 ? 
1 A DC 8 1_555 B DG 3  1_555 A DG 9  1_555 B DC 2 1_555 0.516  0.639  3.253 -1.289 11.498  24.413 -1.671 -1.447 3.192 25.443  
2.852  26.978 8 AA_DC8DG9:DC12DG13_BB  A 8 ? B 13 ? A 9  ? B 12 ? 
1 A DG 9 1_555 B DC 2  1_555 A DG 10 1_555 B DC 1 1_555 0.040  0.684  3.382 -3.092 -4.965  39.353 1.594  -0.426 3.263 -7.323  
4.560  39.768 9 AA_DG9DG10:DC11DC12_BB A 9 ? B 12 ? A 10 ? B 11 ? 
# 
_pdbx_initial_refinement_model.accession_code   1CGC 
_pdbx_initial_refinement_model.id               1 
_pdbx_initial_refinement_model.entity_id_list   ? 
_pdbx_initial_refinement_model.type             'experimental model' 
_pdbx_initial_refinement_model.source_name      PDB 
_pdbx_initial_refinement_model.details          BDJ039 
# 
_atom_sites.entry_id                    1ZF7 
_atom_sites.fract_transf_matrix[1][1]   -0.00082560 
_atom_sites.fract_transf_matrix[1][2]   -0.01387932 
_atom_sites.fract_transf_matrix[1][3]   0.01654043 
_atom_sites.fract_transf_matrix[2][1]   0.00561874 
_atom_sites.fract_transf_matrix[2][2]   -0.02065567 
_atom_sites.fract_transf_matrix[2][3]   -0.00293861 
_atom_sites.fract_transf_matrix[3][1]   0.02156078 
_atom_sites.fract_transf_matrix[3][2]   0.00510269 
_atom_sites.fract_transf_matrix[3][3]   0.00535793 
_atom_sites.fract_transf_vector[1]      0.082505 
_atom_sites.fract_transf_vector[2]      0.370445 
_atom_sites.fract_transf_vector[3]      0.172125 
# 
loop_
_atom_type.symbol 
C  
CA 
N  
NA 
O  
P  
# 
loop_
_atom_site.group_PDB 
_atom_site.id 
_atom_site.type_symbol 
_atom_site.label_atom_id 
_atom_site.label_alt_id 
_atom_site.label_comp_id 
_atom_site.label_asym_id 
_atom_site.label_entity_id 
_atom_site.label_seq_id 
_atom_site.pdbx_PDB_ins_code 
_atom_site.Cartn_x 
_atom_site.Cartn_y 
_atom_site.Cartn_z 
_atom_site.occupancy 
_atom_site.B_iso_or_equiv 
_atom_site.pdbx_formal_charge 
_atom_site.auth_seq_id 
_atom_site.auth_comp_id 
_atom_site.auth_asym_id 
_atom_site.auth_atom_id 
_atom_site.pdbx_PDB_model_num 
ATOM   1   O  "O5'" . DC  A 1 1  ? 9.313   4.555   -12.815 1.00 9.82  ? 1  DC  A "O5'" 1 
ATOM   2   C  "C5'" . DC  A 1 1  ? 9.386   4.603   -14.246 1.00 11.11 ? 1  DC  A "C5'" 1 
ATOM   3   C  "C4'" . DC  A 1 1  ? 9.158   3.259   -14.898 1.00 11.65 ? 1  DC  A "C4'" 1 
ATOM   4   O  "O4'" . DC  A 1 1  ? 10.086  2.300   -14.340 1.00 11.30 ? 1  DC  A "O4'" 1 
ATOM   5   C  "C3'" . DC  A 1 1  ? 7.763   2.678   -14.677 1.00 12.30 ? 1  DC  A "C3'" 1 
ATOM   6   O  "O3'" . DC  A 1 1  ? 7.320   1.995   -15.851 1.00 13.55 ? 1  DC  A "O3'" 1 
ATOM   7   C  "C2'" . DC  A 1 1  ? 7.961   1.709   -13.528 1.00 11.79 ? 1  DC  A "C2'" 1 
ATOM   8   C  "C1'" . DC  A 1 1  ? 9.392   1.228   -13.715 1.00 10.83 ? 1  DC  A "C1'" 1 
ATOM   9   N  N1    . DC  A 1 1  ? 10.085  0.931   -12.449 1.00 10.13 ? 1  DC  A N1    1 
ATOM   10  C  C2    . DC  A 1 1  ? 10.137  -0.391  -11.994 1.00 9.88  ? 1  DC  A C2    1 
ATOM   11  O  O2    . DC  A 1 1  ? 9.587   -1.277  -12.665 1.00 9.85  ? 1  DC  A O2    1 
ATOM   12  N  N3    . DC  A 1 1  ? 10.781  -0.670  -10.835 1.00 9.42  ? 1  DC  A N3    1 
ATOM   13  C  C4    . DC  A 1 1  ? 11.354  0.315   -10.139 1.00 9.29  ? 1  DC  A C4    1 
ATOM   14  N  N4    . DC  A 1 1  ? 11.980  -0.004  -9.003  1.00 9.28  ? 1  DC  A N4    1 
ATOM   15  C  C5    . DC  A 1 1  ? 11.311  1.670   -10.576 1.00 9.41  ? 1  DC  A C5    1 
ATOM   16  C  C6    . DC  A 1 1  ? 10.673  1.931   -11.725 1.00 9.80  ? 1  DC  A C6    1 
ATOM   17  P  P     . DC  A 1 2  ? 5.749   1.903   -16.170 1.00 14.20 ? 2  DC  A P     1 
ATOM   18  O  OP1   . DC  A 1 2  ? 5.615   1.405   -17.561 1.00 14.55 ? 2  DC  A OP1   1 
ATOM   19  O  OP2   . DC  A 1 2  ? 5.101   3.183   -15.785 1.00 14.69 ? 2  DC  A OP2   1 
ATOM   20  O  "O5'" . DC  A 1 2  ? 5.241   0.758   -15.190 1.00 13.75 ? 2  DC  A "O5'" 1 
ATOM   21  C  "C5'" . DC  A 1 2  ? 5.363   -0.612  -15.557 1.00 12.07 ? 2  DC  A "C5'" 1 
ATOM   22  C  "C4'" . DC  A 1 2  ? 4.741   -1.493  -14.501 1.00 10.68 ? 2  DC  A "C4'" 1 
ATOM   23  O  "O4'" . DC  A 1 2  ? 5.640   -1.630  -13.372 1.00 10.96 ? 2  DC  A "O4'" 1 
ATOM   24  C  "C3'" . DC  A 1 2  ? 3.407   -0.989  -13.945 1.00 10.12 ? 2  DC  A "C3'" 1 
ATOM   25  O  "O3'" . DC  A 1 2  ? 2.477   -2.069  -13.880 1.00 7.87  ? 2  DC  A "O3'" 1 
ATOM   26  C  "C2'" . DC  A 1 2  ? 3.762   -0.506  -12.550 1.00 10.51 ? 2  DC  A "C2'" 1 
ATOM   27  C  "C1'" . DC  A 1 2  ? 4.925   -1.407  -12.166 1.00 10.74 ? 2  DC  A "C1'" 1 
ATOM   28  N  N1    . DC  A 1 2  ? 5.843   -0.786  -11.194 1.00 10.64 ? 2  DC  A N1    1 
ATOM   29  C  C2    . DC  A 1 2  ? 6.449   -1.578  -10.203 1.00 10.38 ? 2  DC  A C2    1 
ATOM   30  O  O2    . DC  A 1 2  ? 6.226   -2.800  -10.181 1.00 10.55 ? 2  DC  A O2    1 
ATOM   31  N  N3    . DC  A 1 2  ? 7.261   -0.986  -9.296  1.00 10.14 ? 2  DC  A N3    1 
ATOM   32  C  C4    . DC  A 1 2  ? 7.479   0.331   -9.354  1.00 9.91  ? 2  DC  A C4    1 
ATOM   33  N  N4    . DC  A 1 2  ? 8.274   0.880   -8.434  1.00 9.79  ? 2  DC  A N4    1 
ATOM   34  C  C5    . DC  A 1 2  ? 6.890   1.149   -10.359 1.00 10.15 ? 2  DC  A C5    1 
ATOM   35  C  C6    . DC  A 1 2  ? 6.090   0.556   -11.248 1.00 10.26 ? 2  DC  A C6    1 
ATOM   36  P  P     . DG  A 1 3  ? 0.950   -1.799  -13.451 1.00 4.96  ? 3  DG  A P     1 
ATOM   37  O  OP1   . DG  A 1 3  ? 0.099   -1.945  -14.665 1.00 6.44  ? 3  DG  A OP1   1 
ATOM   38  O  OP2   . DG  A 1 3  ? 0.835   -0.582  -12.612 1.00 5.01  ? 3  DG  A OP2   1 
ATOM   39  O  "O5'" . DG  A 1 3  ? 0.653   -3.054  -12.526 1.00 5.37  ? 3  DG  A "O5'" 1 
ATOM   40  C  "C5'" . DG  A 1 3  ? 1.096   -4.351  -12.920 1.00 4.61  ? 3  DG  A "C5'" 1 
ATOM   41  C  "C4'" . DG  A 1 3  ? 1.170   -5.267  -11.721 1.00 4.49  ? 3  DG  A "C4'" 1 
ATOM   42  O  "O4'" . DG  A 1 3  ? 2.157   -4.767  -10.791 1.00 4.85  ? 3  DG  A "O4'" 1 
ATOM   43  C  "C3'" . DG  A 1 3  ? -0.123  -5.407  -10.920 1.00 4.23  ? 3  DG  A "C3'" 1 
ATOM   44  O  "O3'" . DG  A 1 3  ? -0.187  -6.743  -10.411 1.00 4.89  ? 3  DG  A "O3'" 1 
ATOM   45  C  "C2'" . DG  A 1 3  ? 0.050   -4.391  -9.803  1.00 4.08  ? 3  DG  A "C2'" 1 
ATOM   46  C  "C1'" . DG  A 1 3  ? 1.550   -4.421  -9.553  1.00 4.10  ? 3  DG  A "C1'" 1 
ATOM   47  N  N9    . DG  A 1 3  ? 2.129   -3.150  -9.123  1.00 3.75  ? 3  DG  A N9    1 
ATOM   48  C  C8    . DG  A 1 3  ? 1.871   -1.897  -9.632  1.00 3.90  ? 3  DG  A C8    1 
ATOM   49  N  N7    . DG  A 1 3  ? 2.576   -0.958  -9.061  1.00 4.07  ? 3  DG  A N7    1 
ATOM   50  C  C5    . DG  A 1 3  ? 3.344   -1.629  -8.120  1.00 3.57  ? 3  DG  A C5    1 
ATOM   51  C  C6    . DG  A 1 3  ? 4.316   -1.140  -7.211  1.00 3.54  ? 3  DG  A C6    1 
ATOM   52  O  O6    . DG  A 1 3  ? 4.733   0.013   -7.075  1.00 3.37  ? 3  DG  A O6    1 
ATOM   53  N  N1    . DG  A 1 3  ? 4.829   -2.159  -6.415  1.00 2.95  ? 3  DG  A N1    1 
ATOM   54  C  C2    . DG  A 1 3  ? 4.476   -3.484  -6.500  1.00 2.96  ? 3  DG  A C2    1 
ATOM   55  N  N2    . DG  A 1 3  ? 5.081   -4.322  -5.645  1.00 3.13  ? 3  DG  A N2    1 
ATOM   56  N  N3    . DG  A 1 3  ? 3.593   -3.955  -7.365  1.00 3.16  ? 3  DG  A N3    1 
ATOM   57  C  C4    . DG  A 1 3  ? 3.067   -2.979  -8.134  1.00 3.50  ? 3  DG  A C4    1 
ATOM   58  P  P     . DT  A 1 4  ? -1.435  -7.212  -9.516  1.00 4.91  ? 4  DT  A P     1 
ATOM   59  O  OP1   . DT  A 1 4  ? -1.762  -8.598  -9.938  1.00 6.54  ? 4  DT  A OP1   1 
ATOM   60  O  OP2   . DT  A 1 4  ? -2.504  -6.182  -9.522  1.00 5.92  ? 4  DT  A OP2   1 
ATOM   61  O  "O5'" . DT  A 1 4  ? -0.843  -7.253  -8.041  1.00 5.25  ? 4  DT  A "O5'" 1 
ATOM   62  C  "C5'" . DT  A 1 4  ? 0.232   -8.120  -7.709  1.00 5.13  ? 4  DT  A "C5'" 1 
ATOM   63  C  "C4'" . DT  A 1 4  ? 0.512   -8.052  -6.227  1.00 5.23  ? 4  DT  A "C4'" 1 
ATOM   64  O  "O4'" . DT  A 1 4  ? 1.170   -6.807  -5.895  1.00 5.08  ? 4  DT  A "O4'" 1 
ATOM   65  C  "C3'" . DT  A 1 4  ? -0.718  -8.145  -5.324  1.00 4.85  ? 4  DT  A "C3'" 1 
ATOM   66  O  "O3'" . DT  A 1 4  ? -0.424  -9.063  -4.269  1.00 5.27  ? 4  DT  A "O3'" 1 
ATOM   67  C  "C2'" . DT  A 1 4  ? -0.895  -6.726  -4.799  1.00 4.64  ? 4  DT  A "C2'" 1 
ATOM   68  C  "C1'" . DT  A 1 4  ? 0.533   -6.195  -4.787  1.00 4.10  ? 4  DT  A "C1'" 1 
ATOM   69  N  N1    . DT  A 1 4  ? 0.695   -4.730  -4.928  1.00 3.70  ? 4  DT  A N1    1 
ATOM   70  C  C2    . DT  A 1 4  ? 1.644   -4.114  -4.142  1.00 3.20  ? 4  DT  A C2    1 
ATOM   71  O  O2    . DT  A 1 4  ? 2.315   -4.715  -3.318  1.00 2.91  ? 4  DT  A O2    1 
ATOM   72  N  N3    . DT  A 1 4  ? 1.770   -2.758  -4.353  1.00 2.74  ? 4  DT  A N3    1 
ATOM   73  C  C4    . DT  A 1 4  ? 1.051   -1.980  -5.248  1.00 2.81  ? 4  DT  A C4    1 
ATOM   74  O  O4    . DT  A 1 4  ? 1.279   -0.776  -5.342  1.00 1.76  ? 4  DT  A O4    1 
ATOM   75  C  C5    . DT  A 1 4  ? 0.061   -2.690  -6.023  1.00 3.06  ? 4  DT  A C5    1 
ATOM   76  C  C7    . DT  A 1 4  ? -0.767  -1.925  -7.008  1.00 3.34  ? 4  DT  A C7    1 
ATOM   77  C  C6    . DT  A 1 4  ? -0.067  -4.010  -5.826  1.00 3.36  ? 4  DT  A C6    1 
ATOM   78  P  P     . DC  A 1 5  ? -1.522  -9.394  -3.146  1.00 5.75  ? 5  DC  A P     1 
ATOM   79  O  OP1   . DC  A 1 5  ? -1.611  -10.875 -3.045  1.00 6.45  ? 5  DC  A OP1   1 
ATOM   80  O  OP2   . DC  A 1 5  ? -2.754  -8.605  -3.368  1.00 6.56  ? 5  DC  A OP2   1 
ATOM   81  O  "O5'" . DC  A 1 5  ? -0.813  -8.869  -1.826  1.00 6.02  ? 5  DC  A "O5'" 1 
ATOM   82  C  "C5'" . DC  A 1 5  ? 0.548   -9.206  -1.587  1.00 6.26  ? 5  DC  A "C5'" 1 
ATOM   83  C  "C4'" . DC  A 1 5  ? 1.119   -8.332  -0.501  1.00 6.64  ? 5  DC  A "C4'" 1 
ATOM   84  O  "O4'" . DC  A 1 5  ? 1.313   -6.993  -1.021  1.00 6.94  ? 5  DC  A "O4'" 1 
ATOM   85  C  "C3'" . DC  A 1 5  ? 0.176   -8.216  0.693   1.00 6.92  ? 5  DC  A "C3'" 1 
ATOM   86  O  "O3'" . DC  A 1 5  ? 0.775   -8.662  1.899   1.00 6.37  ? 5  DC  A "O3'" 1 
ATOM   87  C  "C2'" . DC  A 1 5  ? -0.188  -6.745  0.768   1.00 7.15  ? 5  DC  A "C2'" 1 
ATOM   88  C  "C1'" . DC  A 1 5  ? 0.847   -6.027  -0.088  1.00 6.19  ? 5  DC  A "C1'" 1 
ATOM   89  N  N1    . DC  A 1 5  ? 0.168   -4.963  -0.838  1.00 4.78  ? 5  DC  A N1    1 
ATOM   90  C  C2    . DC  A 1 5  ? 0.630   -3.638  -0.779  1.00 4.10  ? 5  DC  A C2    1 
ATOM   91  O  O2    . DC  A 1 5  ? 1.655   -3.372  -0.129  1.00 4.09  ? 5  DC  A O2    1 
ATOM   92  N  N3    . DC  A 1 5  ? -0.063  -2.679  -1.433  1.00 3.40  ? 5  DC  A N3    1 
ATOM   93  C  C4    . DC  A 1 5  ? -1.165  -2.999  -2.118  1.00 2.98  ? 5  DC  A C4    1 
ATOM   94  N  N4    . DC  A 1 5  ? -1.831  -2.027  -2.739  1.00 3.17  ? 5  DC  A N4    1 
ATOM   95  C  C5    . DC  A 1 5  ? -1.637  -4.337  -2.201  1.00 3.62  ? 5  DC  A C5    1 
ATOM   96  C  C6    . DC  A 1 5  ? -0.946  -5.273  -1.561  1.00 4.06  ? 5  DC  A C6    1 
ATOM   97  P  P     . DG  A 1 6  ? -0.120  -8.761  3.226   1.00 5.76  ? 6  DG  A P     1 
ATOM   98  O  OP1   . DG  A 1 6  ? 0.234   -10.032 3.899   1.00 6.00  ? 6  DG  A OP1   1 
ATOM   99  O  OP2   . DG  A 1 6  ? -1.539  -8.474  2.912   1.00 5.77  ? 6  DG  A OP2   1 
ATOM   100 O  "O5'" . DG  A 1 6  ? 0.444   -7.576  4.122   1.00 6.12  ? 6  DG  A "O5'" 1 
ATOM   101 C  "C5'" . DG  A 1 6  ? 1.845   -7.455  4.342   1.00 5.55  ? 6  DG  A "C5'" 1 
ATOM   102 C  "C4'" . DG  A 1 6  ? 2.153   -6.145  5.020   1.00 5.22  ? 6  DG  A "C4'" 1 
ATOM   103 O  "O4'" . DG  A 1 6  ? 1.728   -5.057  4.170   1.00 4.25  ? 6  DG  A "O4'" 1 
ATOM   104 C  "C3'" . DG  A 1 6  ? 1.443   -5.934  6.351   1.00 5.02  ? 6  DG  A "C3'" 1 
ATOM   105 O  "O3'" . DG  A 1 6  ? 2.333   -5.213  7.205   1.00 5.05  ? 6  DG  A "O3'" 1 
ATOM   106 C  "C2'" . DG  A 1 6  ? 0.215   -5.125  5.969   1.00 4.79  ? 6  DG  A "C2'" 1 
ATOM   107 C  "C1'" . DG  A 1 6  ? 0.716   -4.288  4.802   1.00 4.19  ? 6  DG  A "C1'" 1 
ATOM   108 N  N9    . DG  A 1 6  ? -0.284  -3.963  3.786   1.00 3.51  ? 6  DG  A N9    1 
ATOM   109 C  C8    . DG  A 1 6  ? -1.204  -4.811  3.217   1.00 3.37  ? 6  DG  A C8    1 
ATOM   110 N  N7    . DG  A 1 6  ? -1.942  -4.231  2.305   1.00 3.84  ? 6  DG  A N7    1 
ATOM   111 C  C5    . DG  A 1 6  ? -1.491  -2.920  2.280   1.00 3.06  ? 6  DG  A C5    1 
ATOM   112 C  C6    . DG  A 1 6  ? -1.912  -1.819  1.493   1.00 2.95  ? 6  DG  A C6    1 
ATOM   113 O  O6    . DG  A 1 6  ? -2.787  -1.783  0.616   1.00 2.76  ? 6  DG  A O6    1 
ATOM   114 N  N1    . DG  A 1 6  ? -1.198  -0.671  1.803   1.00 2.55  ? 6  DG  A N1    1 
ATOM   115 C  C2    . DG  A 1 6  ? -0.202  -0.586  2.745   1.00 2.63  ? 6  DG  A C2    1 
ATOM   116 N  N2    . DG  A 1 6  ? 0.352   0.618   2.912   1.00 2.63  ? 6  DG  A N2    1 
ATOM   117 N  N3    . DG  A 1 6  ? 0.213   -1.609  3.473   1.00 2.66  ? 6  DG  A N3    1 
ATOM   118 C  C4    . DG  A 1 6  ? -0.473  -2.735  3.194   1.00 3.14  ? 6  DG  A C4    1 
ATOM   119 P  P     . DA  A 1 7  ? 1.891   -4.837  8.698   1.00 4.65  ? 7  DA  A P     1 
ATOM   120 O  OP1   . DA  A 1 7  ? 3.133   -4.749  9.501   1.00 4.89  ? 7  DA  A OP1   1 
ATOM   121 O  OP2   . DA  A 1 7  ? 0.770   -5.693  9.162   1.00 4.62  ? 7  DA  A OP2   1 
ATOM   122 O  "O5'" . DA  A 1 7  ? 1.312   -3.366  8.541   1.00 5.23  ? 7  DA  A "O5'" 1 
ATOM   123 C  "C5'" . DA  A 1 7  ? 2.180   -2.283  8.242   1.00 5.42  ? 7  DA  A "C5'" 1 
ATOM   124 C  "C4'" . DA  A 1 7  ? 1.408   -0.987  8.234   1.00 5.19  ? 7  DA  A "C4'" 1 
ATOM   125 O  "O4'" . DA  A 1 7  ? 0.501   -0.950  7.105   1.00 4.79  ? 7  DA  A "O4'" 1 
ATOM   126 C  "C3'" . DA  A 1 7  ? 0.539   -0.752  9.475   1.00 5.99  ? 7  DA  A "C3'" 1 
ATOM   127 O  "O3'" . DA  A 1 7  ? 0.533   0.643   9.775   1.00 6.79  ? 7  DA  A "O3'" 1 
ATOM   128 C  "C2'" . DA  A 1 7  ? -0.847  -1.131  8.992   1.00 4.68  ? 7  DA  A "C2'" 1 
ATOM   129 C  "C1'" . DA  A 1 7  ? -0.786  -0.587  7.581   1.00 4.24  ? 7  DA  A "C1'" 1 
ATOM   130 N  N9    . DA  A 1 7  ? -1.785  -1.091  6.641   1.00 4.56  ? 7  DA  A N9    1 
ATOM   131 C  C8    . DA  A 1 7  ? -2.313  -2.348  6.520   1.00 4.42  ? 7  DA  A C8    1 
ATOM   132 N  N7    . DA  A 1 7  ? -3.185  -2.460  5.546   1.00 4.30  ? 7  DA  A N7    1 
ATOM   133 C  C5    . DA  A 1 7  ? -3.231  -1.189  4.992   1.00 4.20  ? 7  DA  A C5    1 
ATOM   134 C  C6    . DA  A 1 7  ? -3.959  -0.650  3.922   1.00 4.06  ? 7  DA  A C6    1 
ATOM   135 N  N6    . DA  A 1 7  ? -4.807  -1.359  3.181   1.00 3.72  ? 7  DA  A N6    1 
ATOM   136 N  N1    . DA  A 1 7  ? -3.781  0.658   3.633   1.00 3.77  ? 7  DA  A N1    1 
ATOM   137 C  C2    . DA  A 1 7  ? -2.915  1.364   4.375   1.00 3.74  ? 7  DA  A C2    1 
ATOM   138 N  N3    . DA  A 1 7  ? -2.169  0.965   5.404   1.00 4.15  ? 7  DA  A N3    1 
ATOM   139 C  C4    . DA  A 1 7  ? -2.380  -0.335  5.663   1.00 4.16  ? 7  DA  A C4    1 
ATOM   140 P  P     . DC  A 1 8  ? 0.830   1.151   11.271  1.00 9.50  ? 8  DC  A P     1 
ATOM   141 O  OP1   . DC  A 1 8  ? 2.218   0.761   11.622  1.00 9.23  ? 8  DC  A OP1   1 
ATOM   142 O  OP2   . DC  A 1 8  ? -0.293  0.742   12.149  1.00 9.61  ? 8  DC  A OP2   1 
ATOM   143 O  "O5'" . DC  A 1 8  ? 0.793   2.735   11.128  1.00 8.72  ? 8  DC  A "O5'" 1 
ATOM   144 C  "C5'" . DC  A 1 8  ? 1.580   3.394   10.145  1.00 8.46  ? 8  DC  A "C5'" 1 
ATOM   145 C  "C4'" . DC  A 1 8  ? 0.791   4.521   9.524   1.00 7.98  ? 8  DC  A "C4'" 1 
ATOM   146 O  "O4'" . DC  A 1 8  ? -0.319  3.971   8.782   1.00 7.74  ? 8  DC  A "O4'" 1 
ATOM   147 C  "C3'" . DC  A 1 8  ? 0.179   5.491   10.530  1.00 8.11  ? 8  DC  A "C3'" 1 
ATOM   148 O  "O3'" . DC  A 1 8  ? 0.193   6.799   9.962   1.00 8.44  ? 8  DC  A "O3'" 1 
ATOM   149 C  "C2'" . DC  A 1 8  ? -1.239  4.972   10.698  1.00 7.62  ? 8  DC  A "C2'" 1 
ATOM   150 C  "C1'" . DC  A 1 8  ? -1.552  4.426   9.315   1.00 7.42  ? 8  DC  A "C1'" 1 
ATOM   151 N  N1    . DC  A 1 8  ? -2.477  3.289   9.264   1.00 7.24  ? 8  DC  A N1    1 
ATOM   152 C  C2    . DC  A 1 8  ? -3.337  3.181   8.170   1.00 6.95  ? 8  DC  A C2    1 
ATOM   153 O  O2    . DC  A 1 8  ? -3.369  4.100   7.344   1.00 7.00  ? 8  DC  A O2    1 
ATOM   154 N  N3    . DC  A 1 8  ? -4.109  2.083   8.042   1.00 6.57  ? 8  DC  A N3    1 
ATOM   155 C  C4    . DC  A 1 8  ? -4.052  1.118   8.960   1.00 6.52  ? 8  DC  A C4    1 
ATOM   156 N  N4    . DC  A 1 8  ? -4.775  0.016   8.752   1.00 6.36  ? 8  DC  A N4    1 
ATOM   157 C  C5    . DC  A 1 8  ? -3.233  1.231   10.122  1.00 6.60  ? 8  DC  A C5    1 
ATOM   158 C  C6    . DC  A 1 8  ? -2.472  2.325   10.235  1.00 6.95  ? 8  DC  A C6    1 
ATOM   159 P  P     . DG  A 1 9  ? 0.092   8.087   10.912  1.00 8.82  ? 9  DG  A P     1 
ATOM   160 O  OP1   . DG  A 1 9  ? 0.753   9.196   10.183  1.00 9.17  ? 9  DG  A OP1   1 
ATOM   161 O  OP2   . DG  A 1 9  ? 0.564   7.717   12.275  1.00 9.03  ? 9  DG  A OP2   1 
ATOM   162 O  "O5'" . DG  A 1 9  ? -1.474  8.375   10.980  1.00 7.99  ? 9  DG  A "O5'" 1 
ATOM   163 C  "C5'" . DG  A 1 9  ? -2.177  8.832   9.827   1.00 8.13  ? 9  DG  A "C5'" 1 
ATOM   164 C  "C4'" . DG  A 1 9  ? -3.670  8.766   10.052  1.00 8.01  ? 9  DG  A "C4'" 1 
ATOM   165 O  "O4'" . DG  A 1 9  ? -4.167  7.409   9.941   1.00 7.98  ? 9  DG  A "O4'" 1 
ATOM   166 C  "C3'" . DG  A 1 9  ? -4.165  9.287   11.408  1.00 8.23  ? 9  DG  A "C3'" 1 
ATOM   167 O  "O3'" . DG  A 1 9  ? -5.403  9.971   11.222  1.00 8.49  ? 9  DG  A "O3'" 1 
ATOM   168 C  "C2'" . DG  A 1 9  ? -4.488  8.005   12.155  1.00 7.99  ? 9  DG  A "C2'" 1 
ATOM   169 C  "C1'" . DG  A 1 9  ? -5.067  7.204   11.010  1.00 7.97  ? 9  DG  A "C1'" 1 
ATOM   170 N  N9    . DG  A 1 9  ? -5.241  5.771   11.216  1.00 7.85  ? 9  DG  A N9    1 
ATOM   171 C  C8    . DG  A 1 9  ? -4.710  4.988   12.212  1.00 7.86  ? 9  DG  A C8    1 
ATOM   172 N  N7    . DG  A 1 9  ? -5.096  3.743   12.141  1.00 7.82  ? 9  DG  A N7    1 
ATOM   173 C  C5    . DG  A 1 9  ? -5.924  3.702   11.030  1.00 7.90  ? 9  DG  A C5    1 
ATOM   174 C  C6    . DG  A 1 9  ? -6.640  2.622   10.458  1.00 7.87  ? 9  DG  A C6    1 
ATOM   175 O  O6    . DG  A 1 9  ? -6.697  1.449   10.844  1.00 7.87  ? 9  DG  A O6    1 
ATOM   176 N  N1    . DG  A 1 9  ? -7.346  3.018   9.325   1.00 7.69  ? 9  DG  A N1    1 
ATOM   177 C  C2    . DG  A 1 9  ? -7.365  4.290   8.812   1.00 7.76  ? 9  DG  A C2    1 
ATOM   178 N  N2    . DG  A 1 9  ? -8.103  4.477   7.705   1.00 7.95  ? 9  DG  A N2    1 
ATOM   179 N  N3    . DG  A 1 9  ? -6.711  5.306   9.344   1.00 7.81  ? 9  DG  A N3    1 
ATOM   180 C  C4    . DG  A 1 9  ? -6.014  4.941   10.441  1.00 7.85  ? 9  DG  A C4    1 
ATOM   181 P  P     . DG  A 1 10 ? -5.429  11.570  11.075  1.00 8.49  ? 10 DG  A P     1 
ATOM   182 O  OP1   . DG  A 1 10 ? -4.369  11.946  10.102  1.00 9.00  ? 10 DG  A OP1   1 
ATOM   183 O  OP2   . DG  A 1 10 ? -5.434  12.183  12.426  1.00 8.54  ? 10 DG  A OP2   1 
ATOM   184 O  "O5'" . DG  A 1 10 ? -6.854  11.828  10.408  1.00 8.50  ? 10 DG  A "O5'" 1 
ATOM   185 C  "C5'" . DG  A 1 10 ? -7.092  11.486  9.042   1.00 8.40  ? 10 DG  A "C5'" 1 
ATOM   186 C  "C4'" . DG  A 1 10 ? -8.445  10.828  8.883   1.00 8.18  ? 10 DG  A "C4'" 1 
ATOM   187 O  "O4'" . DG  A 1 10 ? -8.408  9.463   9.372   1.00 8.35  ? 10 DG  A "O4'" 1 
ATOM   188 C  "C3'" . DG  A 1 10 ? -9.606  11.512  9.610   1.00 8.30  ? 10 DG  A "C3'" 1 
ATOM   189 O  "O3'" . DG  A 1 10 ? -10.820 11.421  8.850   1.00 8.47  ? 10 DG  A "O3'" 1 
ATOM   190 C  "C2'" . DG  A 1 10 ? -9.805  10.634  10.834  1.00 8.16  ? 10 DG  A "C2'" 1 
ATOM   191 C  "C1'" . DG  A 1 10 ? -9.485  9.259   10.275  1.00 8.31  ? 10 DG  A "C1'" 1 
ATOM   192 N  N9    . DG  A 1 10 ? -9.089  8.254   11.261  1.00 8.19  ? 10 DG  A N9    1 
ATOM   193 C  C8    . DG  A 1 10 ? -8.365  8.456   12.411  1.00 8.25  ? 10 DG  A C8    1 
ATOM   194 N  N7    . DG  A 1 10 ? -8.196  7.365   13.109  1.00 8.40  ? 10 DG  A N7    1 
ATOM   195 C  C5    . DG  A 1 10 ? -8.840  6.380   12.372  1.00 8.31  ? 10 DG  A C5    1 
ATOM   196 C  C6    . DG  A 1 10 ? -8.995  4.995   12.629  1.00 8.25  ? 10 DG  A C6    1 
ATOM   197 O  O6    . DG  A 1 10 ? -8.589  4.341   13.596  1.00 8.16  ? 10 DG  A O6    1 
ATOM   198 N  N1    . DG  A 1 10 ? -9.713  4.364   11.615  1.00 8.11  ? 10 DG  A N1    1 
ATOM   199 C  C2    . DG  A 1 10 ? -10.219 4.987   10.501  1.00 8.25  ? 10 DG  A C2    1 
ATOM   200 N  N2    . DG  A 1 10 ? -10.886 4.208   9.634   1.00 8.53  ? 10 DG  A N2    1 
ATOM   201 N  N3    . DG  A 1 10 ? -10.085 6.280   10.253  1.00 8.18  ? 10 DG  A N3    1 
ATOM   202 C  C4    . DG  A 1 10 ? -9.389  6.911   11.223  1.00 8.31  ? 10 DG  A C4    1 
ATOM   203 O  "O5'" . DC  B 1 1  ? -16.488 -3.537  12.296  1.00 14.87 ? 11 DC  B "O5'" 1 
ATOM   204 C  "C5'" . DC  B 1 1  ? -15.569 -2.442  12.296  1.00 14.48 ? 11 DC  B "C5'" 1 
ATOM   205 C  "C4'" . DC  B 1 1  ? -15.689 -1.581  11.059  1.00 14.48 ? 11 DC  B "C4'" 1 
ATOM   206 O  "O4'" . DC  B 1 1  ? -14.769 -0.469  11.162  1.00 14.62 ? 11 DC  B "O4'" 1 
ATOM   207 C  "C3'" . DC  B 1 1  ? -15.350 -2.284  9.747   1.00 14.26 ? 11 DC  B "C3'" 1 
ATOM   208 O  "O3'" . DC  B 1 1  ? -16.187 -1.780  8.699   1.00 13.98 ? 11 DC  B "O3'" 1 
ATOM   209 C  "C2'" . DC  B 1 1  ? -13.896 -1.915  9.514   1.00 14.29 ? 11 DC  B "C2'" 1 
ATOM   210 C  "C1'" . DC  B 1 1  ? -13.785 -0.530  10.137  1.00 14.47 ? 11 DC  B "C1'" 1 
ATOM   211 N  N1    . DC  B 1 1  ? -12.485 -0.254  10.766  1.00 14.48 ? 11 DC  B N1    1 
ATOM   212 C  C2    . DC  B 1 1  ? -11.870 0.983   10.541  1.00 14.49 ? 11 DC  B C2    1 
ATOM   213 O  O2    . DC  B 1 1  ? -12.420 1.799   9.786   1.00 14.49 ? 11 DC  B O2    1 
ATOM   214 N  N3    . DC  B 1 1  ? -10.693 1.255   11.151  1.00 14.36 ? 11 DC  B N3    1 
ATOM   215 C  C4    . DC  B 1 1  ? -10.126 0.344   11.946  1.00 14.42 ? 11 DC  B C4    1 
ATOM   216 N  N4    . DC  B 1 1  ? -8.973  0.658   12.540  1.00 14.46 ? 11 DC  B N4    1 
ATOM   217 C  C5    . DC  B 1 1  ? -10.719 -0.930  12.173  1.00 14.42 ? 11 DC  B C5    1 
ATOM   218 C  C6    . DC  B 1 1  ? -11.887 -1.184  11.570  1.00 14.52 ? 11 DC  B C6    1 
ATOM   219 P  P     . DC  B 1 2  ? -16.001 -2.314  7.195   1.00 13.24 ? 12 DC  B P     1 
ATOM   220 O  OP1   . DC  B 1 2  ? -17.345 -2.335  6.565   1.00 13.50 ? 12 DC  B OP1   1 
ATOM   221 O  OP2   . DC  B 1 2  ? -15.179 -3.550  7.218   1.00 13.92 ? 12 DC  B OP2   1 
ATOM   222 O  "O5'" . DC  B 1 2  ? -15.162 -1.148  6.509   1.00 12.46 ? 12 DC  B "O5'" 1 
ATOM   223 C  "C5'" . DC  B 1 2  ? -15.583 0.205   6.660   1.00 10.84 ? 12 DC  B "C5'" 1 
ATOM   224 C  "C4'" . DC  B 1 2  ? -14.630 1.148   5.968   1.00 9.60  ? 12 DC  B "C4'" 1 
ATOM   225 O  "O4'" . DC  B 1 2  ? -13.407 1.312   6.722   1.00 9.43  ? 12 DC  B "O4'" 1 
ATOM   226 C  "C3'" . DC  B 1 2  ? -14.219 0.776   4.545   1.00 8.92  ? 12 DC  B "C3'" 1 
ATOM   227 O  "O3'" . DC  B 1 2  ? -14.357 1.935   3.723   1.00 8.00  ? 12 DC  B "O3'" 1 
ATOM   228 C  "C2'" . DC  B 1 2  ? -12.762 0.358   4.688   1.00 9.04  ? 12 DC  B "C2'" 1 
ATOM   229 C  "C1'" . DC  B 1 2  ? -12.289 1.209   5.858   1.00 8.75  ? 12 DC  B "C1'" 1 
ATOM   230 N  N1    . DC  B 1 2  ? -11.174 0.660   6.650   1.00 8.15  ? 12 DC  B N1    1 
ATOM   231 C  C2    . DC  B 1 2  ? -10.180 1.536   7.110   1.00 7.79  ? 12 DC  B C2    1 
ATOM   232 O  O2    . DC  B 1 2  ? -10.237 2.733   6.785   1.00 7.48  ? 12 DC  B O2    1 
ATOM   233 N  N3    . DC  B 1 2  ? -9.185  1.055   7.893   1.00 7.42  ? 12 DC  B N3    1 
ATOM   234 C  C4    . DC  B 1 2  ? -9.153  -0.241  8.212   1.00 7.69  ? 12 DC  B C4    1 
ATOM   235 N  N4    . DC  B 1 2  ? -8.177  -0.665  9.022   1.00 7.27  ? 12 DC  B N4    1 
ATOM   236 C  C5    . DC  B 1 2  ? -10.129 -1.160  7.726   1.00 7.73  ? 12 DC  B C5    1 
ATOM   237 C  C6    . DC  B 1 2  ? -11.113 -0.672  6.955   1.00 8.07  ? 12 DC  B C6    1 
ATOM   238 P  P     . DG  B 1 3  ? -14.422 1.783   2.126   1.00 7.17  ? 13 DG  B P     1 
ATOM   239 O  OP1   . DG  B 1 3  ? -15.504 2.672   1.638   1.00 8.04  ? 13 DG  B OP1   1 
ATOM   240 O  OP2   . DG  B 1 3  ? -14.438 0.344   1.772   1.00 8.06  ? 13 DG  B OP2   1 
ATOM   241 O  "O5'" . DG  B 1 3  ? -13.032 2.406   1.669   1.00 7.22  ? 13 DG  B "O5'" 1 
ATOM   242 C  "C5'" . DG  B 1 3  ? -12.729 3.768   1.945   1.00 6.62  ? 13 DG  B "C5'" 1 
ATOM   243 C  "C4'" . DG  B 1 3  ? -11.272 4.041   1.659   1.00 5.51  ? 13 DG  B "C4'" 1 
ATOM   244 O  "O4'" . DG  B 1 3  ? -10.411 3.504   2.694   1.00 5.52  ? 13 DG  B "O4'" 1 
ATOM   245 C  "C3'" . DG  B 1 3  ? -10.777 3.430   0.347   1.00 4.91  ? 13 DG  B "C3'" 1 
ATOM   246 O  "O3'" . DG  B 1 3  ? -9.800  4.290   -0.215  1.00 4.50  ? 13 DG  B "O3'" 1 
ATOM   247 C  "C2'" . DG  B 1 3  ? -10.032 2.200   0.818   1.00 4.94  ? 13 DG  B "C2'" 1 
ATOM   248 C  "C1'" . DG  B 1 3  ? -9.383  2.765   2.060   1.00 4.91  ? 13 DG  B "C1'" 1 
ATOM   249 N  N9    . DG  B 1 3  ? -8.857  1.791   3.008   1.00 4.97  ? 13 DG  B N9    1 
ATOM   250 C  C8    . DG  B 1 3  ? -9.235  0.481   3.155   1.00 5.08  ? 13 DG  B C8    1 
ATOM   251 N  N7    . DG  B 1 3  ? -8.550  -0.148  4.071   1.00 5.21  ? 13 DG  B N7    1 
ATOM   252 C  C5    . DG  B 1 3  ? -7.675  0.811   4.566   1.00 4.98  ? 13 DG  B C5    1 
ATOM   253 C  C6    . DG  B 1 3  ? -6.677  0.717   5.571   1.00 5.05  ? 13 DG  B C6    1 
ATOM   254 O  O6    . DG  B 1 3  ? -6.352  -0.266  6.244   1.00 5.05  ? 13 DG  B O6    1 
ATOM   255 N  N1    . DG  B 1 3  ? -6.021  1.931   5.758   1.00 5.35  ? 13 DG  B N1    1 
ATOM   256 C  C2    . DG  B 1 3  ? -6.282  3.082   5.064   1.00 5.33  ? 13 DG  B C2    1 
ATOM   257 N  N2    . DG  B 1 3  ? -5.541  4.148   5.389   1.00 5.64  ? 13 DG  B N2    1 
ATOM   258 N  N3    . DG  B 1 3  ? -7.202  3.180   4.119   1.00 5.07  ? 13 DG  B N3    1 
ATOM   259 C  C4    . DG  B 1 3  ? -7.856  2.014   3.924   1.00 5.09  ? 13 DG  B C4    1 
ATOM   260 P  P     . DT  B 1 4  ? -10.155 5.189   -1.488  1.00 3.52  ? 14 DT  B P     1 
ATOM   261 O  OP1   . DT  B 1 4  ? -11.513 5.760   -1.325  1.00 5.32  ? 14 DT  B OP1   1 
ATOM   262 O  OP2   . DT  B 1 4  ? -9.834  4.398   -2.702  1.00 4.14  ? 14 DT  B OP2   1 
ATOM   263 O  "O5'" . DT  B 1 4  ? -9.075  6.344   -1.347  1.00 3.99  ? 14 DT  B "O5'" 1 
ATOM   264 C  "C5'" . DT  B 1 4  ? -9.016  7.123   -0.161  1.00 3.04  ? 14 DT  B "C5'" 1 
ATOM   265 C  "C4'" . DT  B 1 4  ? -7.601  7.186   0.359   1.00 3.08  ? 14 DT  B "C4'" 1 
ATOM   266 O  "O4'" . DT  B 1 4  ? -7.229  5.932   0.978   1.00 3.03  ? 14 DT  B "O4'" 1 
ATOM   267 C  "C3'" . DT  B 1 4  ? -6.527  7.497   -0.681  1.00 3.51  ? 14 DT  B "C3'" 1 
ATOM   268 O  "O3'" . DT  B 1 4  ? -5.763  8.612   -0.223  1.00 3.81  ? 14 DT  B "O3'" 1 
ATOM   269 C  "C2'" . DT  B 1 4  ? -5.694  6.223   -0.756  1.00 3.10  ? 14 DT  B "C2'" 1 
ATOM   270 C  "C1'" . DT  B 1 4  ? -5.914  5.575   0.600   1.00 3.20  ? 14 DT  B "C1'" 1 
ATOM   271 N  N1    . DT  B 1 4  ? -5.852  4.098   0.606   1.00 3.09  ? 14 DT  B N1    1 
ATOM   272 C  C2    . DT  B 1 4  ? -5.075  3.474   1.556   1.00 3.07  ? 14 DT  B C2    1 
ATOM   273 O  O2    . DT  B 1 4  ? -4.361  4.079   2.337   1.00 3.58  ? 14 DT  B O2    1 
ATOM   274 N  N3    . DT  B 1 4  ? -5.158  2.099   1.549   1.00 2.97  ? 14 DT  B N3    1 
ATOM   275 C  C4    . DT  B 1 4  ? -5.902  1.306   0.691   1.00 3.31  ? 14 DT  B C4    1 
ATOM   276 O  O4    . DT  B 1 4  ? -5.909  0.081   0.833   1.00 3.42  ? 14 DT  B O4    1 
ATOM   277 C  C5    . DT  B 1 4  ? -6.644  2.029   -0.320  1.00 3.22  ? 14 DT  B C5    1 
ATOM   278 C  C7    . DT  B 1 4  ? -7.435  1.257   -1.330  1.00 3.57  ? 14 DT  B C7    1 
ATOM   279 C  C6    . DT  B 1 4  ? -6.584  3.368   -0.307  1.00 3.23  ? 14 DT  B C6    1 
ATOM   280 P  P     . DC  B 1 5  ? -4.693  9.306   -1.193  1.00 4.20  ? 15 DC  B P     1 
ATOM   281 O  OP1   . DC  B 1 5  ? -4.504  10.698  -0.714  1.00 5.63  ? 15 DC  B OP1   1 
ATOM   282 O  OP2   . DC  B 1 5  ? -5.035  9.055   -2.611  1.00 5.33  ? 15 DC  B OP2   1 
ATOM   283 O  "O5'" . DC  B 1 5  ? -3.375  8.511   -0.830  1.00 3.63  ? 15 DC  B "O5'" 1 
ATOM   284 C  "C5'" . DC  B 1 5  ? -2.977  8.456   0.530   1.00 3.77  ? 15 DC  B "C5'" 1 
ATOM   285 C  "C4'" . DC  B 1 5  ? -1.794  7.540   0.706   1.00 4.23  ? 15 DC  B "C4'" 1 
ATOM   286 O  "O4'" . DC  B 1 5  ? -2.227  6.165   0.783   1.00 4.60  ? 15 DC  B "O4'" 1 
ATOM   287 C  "C3'" . DC  B 1 5  ? -0.731  7.607   -0.388  1.00 4.72  ? 15 DC  B "C3'" 1 
ATOM   288 O  "O3'" . DC  B 1 5  ? 0.455   8.166   0.163   1.00 5.00  ? 15 DC  B "O3'" 1 
ATOM   289 C  "C2'" . DC  B 1 5  ? -0.545  6.149   -0.808  1.00 4.32  ? 15 DC  B "C2'" 1 
ATOM   290 C  "C1'" . DC  B 1 5  ? -1.186  5.338   0.319   1.00 3.62  ? 15 DC  B "C1'" 1 
ATOM   291 N  N1    . DC  B 1 5  ? -1.785  4.045   -0.092  1.00 3.29  ? 15 DC  B N1    1 
ATOM   292 C  C2    . DC  B 1 5  ? -1.536  2.887   0.676   1.00 3.14  ? 15 DC  B C2    1 
ATOM   293 O  O2    . DC  B 1 5  ? -0.819  2.971   1.683   1.00 2.95  ? 15 DC  B O2    1 
ATOM   294 N  N3    . DC  B 1 5  ? -2.088  1.711   0.295   1.00 2.75  ? 15 DC  B N3    1 
ATOM   295 C  C4    . DC  B 1 5  ? -2.859  1.656   -0.795  1.00 2.90  ? 15 DC  B C4    1 
ATOM   296 N  N4    . DC  B 1 5  ? -3.394  0.479   -1.124  1.00 3.28  ? 15 DC  B N4    1 
ATOM   297 C  C5    . DC  B 1 5  ? -3.120  2.808   -1.593  1.00 3.13  ? 15 DC  B C5    1 
ATOM   298 C  C6    . DC  B 1 5  ? -2.573  3.969   -1.209  1.00 3.29  ? 15 DC  B C6    1 
ATOM   299 P  P     . DG  B 1 6  ? 1.593   8.755   -0.806  1.00 4.94  ? 16 DG  B P     1 
ATOM   300 O  OP1   . DG  B 1 6  ? 2.018   10.062  -0.240  1.00 4.70  ? 16 DG  B OP1   1 
ATOM   301 O  OP2   . DG  B 1 6  ? 1.158   8.678   -2.229  1.00 5.32  ? 16 DG  B OP2   1 
ATOM   302 O  "O5'" . DG  B 1 6  ? 2.766   7.698   -0.606  1.00 4.52  ? 16 DG  B "O5'" 1 
ATOM   303 C  "C5'" . DG  B 1 6  ? 3.231   7.364   0.706   1.00 4.13  ? 16 DG  B "C5'" 1 
ATOM   304 C  "C4'" . DG  B 1 6  ? 3.975   6.049   0.682   1.00 3.11  ? 16 DG  B "C4'" 1 
ATOM   305 O  "O4'" . DG  B 1 6  ? 3.059   4.968   0.367   1.00 2.92  ? 16 DG  B "O4'" 1 
ATOM   306 C  "C3'" . DG  B 1 6  ? 5.091   5.970   -0.362  1.00 2.73  ? 16 DG  B "C3'" 1 
ATOM   307 O  "O3'" . DG  B 1 6  ? 6.080   5.038   0.085   1.00 2.41  ? 16 DG  B "O3'" 1 
ATOM   308 C  "C2'" . DG  B 1 6  ? 4.382   5.302   -1.522  1.00 2.75  ? 16 DG  B "C2'" 1 
ATOM   309 C  "C1'" . DG  B 1 6  ? 3.574   4.273   -0.757  1.00 2.22  ? 16 DG  B "C1'" 1 
ATOM   310 N  N9    . DG  B 1 6  ? 2.466   3.651   -1.472  1.00 2.41  ? 16 DG  B N9    1 
ATOM   311 C  C8    . DG  B 1 6  ? 1.719   4.176   -2.502  1.00 2.42  ? 16 DG  B C8    1 
ATOM   312 N  N7    . DG  B 1 6  ? 0.821   3.344   -2.959  1.00 2.25  ? 16 DG  B N7    1 
ATOM   313 C  C5    . DG  B 1 6  ? 0.982   2.205   -2.176  1.00 2.36  ? 16 DG  B C5    1 
ATOM   314 C  C6    . DG  B 1 6  ? 0.303   0.954   -2.209  1.00 2.25  ? 16 DG  B C6    1 
ATOM   315 O  O6    . DG  B 1 6  ? -0.603  0.582   -2.966  1.00 2.64  ? 16 DG  B O6    1 
ATOM   316 N  N1    . DG  B 1 6  ? 0.791   0.084   -1.236  1.00 2.33  ? 16 DG  B N1    1 
ATOM   317 C  C2    . DG  B 1 6  ? 1.804   0.372   -0.355  1.00 2.04  ? 16 DG  B C2    1 
ATOM   318 N  N2    . DG  B 1 6  ? 2.145   -0.610  0.501   1.00 2.47  ? 16 DG  B N2    1 
ATOM   319 N  N3    . DG  B 1 6  ? 2.439   1.527   -0.316  1.00 2.34  ? 16 DG  B N3    1 
ATOM   320 C  C4    . DG  B 1 6  ? 1.985   2.389   -1.247  1.00 2.65  ? 16 DG  B C4    1 
ATOM   321 P  P     . DA  B 1 7  ? 7.515   5.539   0.605   1.00 2.13  ? 17 DA  B P     1 
ATOM   322 O  OP1   . DA  B 1 7  ? 7.328   6.683   1.535   1.00 2.37  ? 17 DA  B OP1   1 
ATOM   323 O  OP2   . DA  B 1 7  ? 8.442   5.671   -0.543  1.00 2.39  ? 17 DA  B OP2   1 
ATOM   324 O  "O5'" . DA  B 1 7  ? 8.004   4.283   1.446   1.00 2.28  ? 17 DA  B "O5'" 1 
ATOM   325 C  "C5'" . DA  B 1 7  ? 7.196   3.759   2.498   1.00 2.90  ? 17 DA  B "C5'" 1 
ATOM   326 C  "C4'" . DA  B 1 7  ? 7.266   2.250   2.502   1.00 2.52  ? 17 DA  B "C4'" 1 
ATOM   327 O  "O4'" . DA  B 1 7  ? 6.300   1.687   1.582   1.00 3.35  ? 17 DA  B "O4'" 1 
ATOM   328 C  "C3'" . DA  B 1 7  ? 8.630   1.696   2.092   1.00 2.85  ? 17 DA  B "C3'" 1 
ATOM   329 O  "O3'" . DA  B 1 7  ? 8.976   0.614   2.951   1.00 2.24  ? 17 DA  B "O3'" 1 
ATOM   330 C  "C2'" . DA  B 1 7  ? 8.416   1.220   0.665   1.00 2.83  ? 17 DA  B "C2'" 1 
ATOM   331 C  "C1'" . DA  B 1 7  ? 6.949   0.824   0.654   1.00 2.71  ? 17 DA  B "C1'" 1 
ATOM   332 N  N9    . DA  B 1 7  ? 6.275   0.987   -0.634  1.00 2.66  ? 17 DA  B N9    1 
ATOM   333 C  C8    . DA  B 1 7  ? 6.287   2.105   -1.432  1.00 2.87  ? 17 DA  B C8    1 
ATOM   334 N  N7    . DA  B 1 7  ? 5.503   2.016   -2.478  1.00 2.86  ? 17 DA  B N7    1 
ATOM   335 C  C5    . DA  B 1 7  ? 4.955   0.746   -2.378  1.00 2.72  ? 17 DA  B C5    1 
ATOM   336 C  C6    . DA  B 1 7  ? 4.025   0.058   -3.172  1.00 3.04  ? 17 DA  B C6    1 
ATOM   337 N  N6    . DA  B 1 7  ? 3.437   0.592   -4.242  1.00 3.22  ? 17 DA  B N6    1 
ATOM   338 N  N1    . DA  B 1 7  ? 3.706   -1.205  -2.814  1.00 2.58  ? 17 DA  B N1    1 
ATOM   339 C  C2    . DA  B 1 7  ? 4.274   -1.720  -1.717  1.00 2.83  ? 17 DA  B C2    1 
ATOM   340 N  N3    . DA  B 1 7  ? 5.146   -1.164  -0.876  1.00 2.44  ? 17 DA  B N3    1 
ATOM   341 C  C4    . DA  B 1 7  ? 5.448   0.087   -1.266  1.00 2.73  ? 17 DA  B C4    1 
ATOM   342 P  P     . DC  B 1 8  ? 10.375  -0.141  2.763   1.00 3.33  ? 18 DC  B P     1 
ATOM   343 O  OP1   . DC  B 1 8  ? 10.619  -0.831  4.052   1.00 2.96  ? 18 DC  B OP1   1 
ATOM   344 O  OP2   . DC  B 1 8  ? 11.390  0.792   2.211   1.00 2.98  ? 18 DC  B OP2   1 
ATOM   345 O  "O5'" . DC  B 1 8  ? 10.042  -1.234  1.665   1.00 3.20  ? 18 DC  B "O5'" 1 
ATOM   346 C  "C5'" . DC  B 1 8  ? 9.008   -2.164  1.920   1.00 4.11  ? 18 DC  B "C5'" 1 
ATOM   347 C  "C4'" . DC  B 1 8  ? 8.867   -3.126  0.771   1.00 4.54  ? 18 DC  B "C4'" 1 
ATOM   348 O  "O4'" . DC  B 1 8  ? 8.101   -2.501  -0.282  1.00 4.68  ? 18 DC  B "O4'" 1 
ATOM   349 C  "C3'" . DC  B 1 8  ? 10.175  -3.608  0.139   1.00 5.41  ? 18 DC  B "C3'" 1 
ATOM   350 O  "O3'" . DC  B 1 8  ? 10.281  -5.028  0.273   1.00 6.27  ? 18 DC  B "O3'" 1 
ATOM   351 C  "C2'" . DC  B 1 8  ? 10.059  -3.185  -1.324  1.00 5.16  ? 18 DC  B "C2'" 1 
ATOM   352 C  "C1'" . DC  B 1 8  ? 8.559   -2.987  -1.522  1.00 4.56  ? 18 DC  B "C1'" 1 
ATOM   353 N  N1    . DC  B 1 8  ? 8.176   -2.003  -2.548  1.00 4.58  ? 18 DC  B N1    1 
ATOM   354 C  C2    . DC  B 1 8  ? 7.218   -2.356  -3.509  1.00 4.02  ? 18 DC  B C2    1 
ATOM   355 O  O2    . DC  B 1 8  ? 6.742   -3.507  -3.494  1.00 4.57  ? 18 DC  B O2    1 
ATOM   356 N  N3    . DC  B 1 8  ? 6.840   -1.437  -4.428  1.00 4.07  ? 18 DC  B N3    1 
ATOM   357 C  C4    . DC  B 1 8  ? 7.379   -0.216  -4.413  1.00 3.86  ? 18 DC  B C4    1 
ATOM   358 N  N4    . DC  B 1 8  ? 6.960   0.670   -5.320  1.00 3.98  ? 18 DC  B N4    1 
ATOM   359 C  C5    . DC  B 1 8  ? 8.368   0.159   -3.462  1.00 4.30  ? 18 DC  B C5    1 
ATOM   360 C  C6    . DC  B 1 8  ? 8.732   -0.755  -2.557  1.00 4.00  ? 18 DC  B C6    1 
ATOM   361 P  P     . DG  B 1 9  ? 11.731  -5.710  0.419   1.00 6.89  ? 19 DG  B P     1 
ATOM   362 O  OP1   . DG  B 1 9  ? 11.606  -6.838  1.371   1.00 6.96  ? 19 DG  B OP1   1 
ATOM   363 O  OP2   . DG  B 1 9  ? 12.777  -4.683  0.641   1.00 7.68  ? 19 DG  B OP2   1 
ATOM   364 O  "O5'" . DG  B 1 9  ? 11.959  -6.344  -1.022  1.00 7.36  ? 19 DG  B "O5'" 1 
ATOM   365 C  "C5'" . DG  B 1 9  ? 11.027  -7.284  -1.548  1.00 6.66  ? 19 DG  B "C5'" 1 
ATOM   366 C  "C4'" . DG  B 1 9  ? 11.109  -7.325  -3.056  1.00 6.25  ? 19 DG  B "C4'" 1 
ATOM   367 O  "O4'" . DG  B 1 9  ? 10.591  -6.108  -3.649  1.00 5.83  ? 19 DG  B "O4'" 1 
ATOM   368 C  "C3'" . DG  B 1 9  ? 12.512  -7.513  -3.638  1.00 6.03  ? 19 DG  B "C3'" 1 
ATOM   369 O  "O3'" . DG  B 1 9  ? 12.385  -8.316  -4.806  1.00 6.42  ? 19 DG  B "O3'" 1 
ATOM   370 C  "C2'" . DG  B 1 9  ? 12.870  -6.112  -4.101  1.00 5.84  ? 19 DG  B "C2'" 1 
ATOM   371 C  "C1'" . DG  B 1 9  ? 11.520  -5.688  -4.633  1.00 5.08  ? 19 DG  B "C1'" 1 
ATOM   372 N  N9    . DG  B 1 9  ? 11.305  -4.272  -4.909  1.00 4.78  ? 19 DG  B N9    1 
ATOM   373 C  C8    . DG  B 1 9  ? 12.008  -3.190  -4.433  1.00 4.71  ? 19 DG  B C8    1 
ATOM   374 N  N7    . DG  B 1 9  ? 11.576  -2.055  -4.911  1.00 4.62  ? 19 DG  B N7    1 
ATOM   375 C  C5    . DG  B 1 9  ? 10.517  -2.408  -5.737  1.00 4.63  ? 19 DG  B C5    1 
ATOM   376 C  C6    . DG  B 1 9  ? 9.654   -1.602  -6.530  1.00 4.36  ? 19 DG  B C6    1 
ATOM   377 O  O6    . DG  B 1 9  ? 9.643   -0.373  -6.650  1.00 4.40  ? 19 DG  B O6    1 
ATOM   378 N  N1    . DG  B 1 9  ? 8.727   -2.373  -7.223  1.00 4.34  ? 19 DG  B N1    1 
ATOM   379 C  C2    . DG  B 1 9  ? 8.632   -3.743  -7.155  1.00 4.08  ? 19 DG  B C2    1 
ATOM   380 N  N2    . DG  B 1 9  ? 7.666   -4.312  -7.891  1.00 4.54  ? 19 DG  B N2    1 
ATOM   381 N  N3    . DG  B 1 9  ? 9.426   -4.499  -6.418  1.00 4.06  ? 19 DG  B N3    1 
ATOM   382 C  C4    . DG  B 1 9  ? 10.338  -3.771  -5.744  1.00 4.47  ? 19 DG  B C4    1 
ATOM   383 P  P     . DG  B 1 10 ? 13.320  -9.598  -5.016  1.00 6.51  ? 20 DG  B P     1 
ATOM   384 O  OP1   . DG  B 1 10 ? 13.200  -10.458 -3.810  1.00 7.96  ? 20 DG  B OP1   1 
ATOM   385 O  OP2   . DG  B 1 10 ? 14.659  -9.145  -5.465  1.00 7.40  ? 20 DG  B OP2   1 
ATOM   386 O  "O5'" . DG  B 1 10 ? 12.598  -10.325 -6.235  1.00 6.99  ? 20 DG  B "O5'" 1 
ATOM   387 C  "C5'" . DG  B 1 10 ? 11.219  -10.683 -6.152  1.00 6.98  ? 20 DG  B "C5'" 1 
ATOM   388 C  "C4'" . DG  B 1 10 ? 10.503  -10.361 -7.444  1.00 6.92  ? 20 DG  B "C4'" 1 
ATOM   389 O  "O4'" . DG  B 1 10 ? 10.412  -8.924  -7.613  1.00 6.76  ? 20 DG  B "O4'" 1 
ATOM   390 C  "C3'" . DG  B 1 10 ? 11.162  -10.895 -8.715  1.00 7.13  ? 20 DG  B "C3'" 1 
ATOM   391 O  "O3'" . DG  B 1 10 ? 10.148  -11.237 -9.665  1.00 7.80  ? 20 DG  B "O3'" 1 
ATOM   392 C  "C2'" . DG  B 1 10 ? 11.922  -9.688  -9.236  1.00 6.91  ? 20 DG  B "C2'" 1 
ATOM   393 C  "C1'" . DG  B 1 10 ? 11.008  -8.535  -8.842  1.00 6.59  ? 20 DG  B "C1'" 1 
ATOM   394 N  N9    . DG  B 1 10 ? 11.670  -7.250  -8.621  1.00 6.61  ? 20 DG  B N9    1 
ATOM   395 C  C8    . DG  B 1 10 ? 12.790  -7.023  -7.861  1.00 6.55  ? 20 DG  B C8    1 
ATOM   396 N  N7    . DG  B 1 10 ? 13.141  -5.766  -7.825  1.00 6.39  ? 20 DG  B N7    1 
ATOM   397 C  C5    . DG  B 1 10 ? 12.202  -5.120  -8.615  1.00 6.35  ? 20 DG  B C5    1 
ATOM   398 C  C6    . DG  B 1 10 ? 12.067  -3.745  -8.947  1.00 6.50  ? 20 DG  B C6    1 
ATOM   399 O  O6    . DG  B 1 10 ? 12.769  -2.792  -8.589  1.00 6.79  ? 20 DG  B O6    1 
ATOM   400 N  N1    . DG  B 1 10 ? 10.976  -3.524  -9.781  1.00 6.60  ? 20 DG  B N1    1 
ATOM   401 C  C2    . DG  B 1 10 ? 10.118  -4.496  -10.231 1.00 6.59  ? 20 DG  B C2    1 
ATOM   402 N  N2    . DG  B 1 10 ? 9.113   -4.077  -11.013 1.00 7.34  ? 20 DG  B N2    1 
ATOM   403 N  N3    . DG  B 1 10 ? 10.232  -5.781  -9.929  1.00 6.54  ? 20 DG  B N3    1 
ATOM   404 C  C4    . DG  B 1 10 ? 11.287  -6.020  -9.122  1.00 6.43  ? 20 DG  B C4    1 
HETATM 405 CA CA    . CA  C 2 .  ? -5.990  -4.231  -10.895 1.00 3.22  ? 22 CA  A CA    1 
HETATM 406 CA CA    . CA  D 2 .  ? 0.447   1.551   -11.922 1.00 3.73  ? 23 CA  A CA    1 
HETATM 407 NA NA    . NA  E 3 .  ? -5.318  -5.760  -0.573  1.00 1.00  ? 24 NA  A NA    1 
HETATM 408 CA CA    . CA  F 2 .  ? 12.551  1.725   0.485   1.00 2.26  ? 21 CA  B CA    1 
HETATM 409 O  O     . HOH G 4 .  ? -7.656  -2.851  -9.601  1.00 2.98  ? 27 HOH A O     1 
HETATM 410 O  O     . HOH G 4 .  ? -5.447  -1.984  -11.197 1.00 4.95  ? 28 HOH A O     1 
HETATM 411 O  O     . HOH G 4 .  ? -5.047  -6.549  -11.109 1.00 5.42  ? 29 HOH A O     1 
HETATM 412 O  O     . HOH G 4 .  ? -7.946  -5.846  -10.973 1.00 2.91  ? 30 HOH A O     1 
HETATM 413 O  O     . HOH G 4 .  ? -3.684  -3.819  -10.210 1.00 4.30  ? 31 HOH A O     1 
HETATM 414 O  O     . HOH G 4 .  ? 1.096   1.536   -9.506  1.00 4.83  ? 32 HOH A O     1 
HETATM 415 O  O     . HOH G 4 .  ? -5.877  -5.012  -8.493  1.00 7.20  ? 35 HOH A O     1 
HETATM 416 O  O     . HOH G 4 .  ? 5.354   -8.441  -7.179  1.00 3.10  ? 38 HOH A O     1 
HETATM 417 O  O     . HOH G 4 .  ? -7.149  -4.572  5.025   1.00 2.06  ? 39 HOH A O     1 
HETATM 418 O  O     . HOH G 4 .  ? -7.112  0.159   -11.956 1.00 4.33  ? 42 HOH A O     1 
HETATM 419 O  O     . HOH G 4 .  ? -8.441  -4.577  -7.623  1.00 4.44  ? 43 HOH A O     1 
HETATM 420 O  O     . HOH G 4 .  ? -3.402  -7.531  -0.944  1.00 7.65  ? 45 HOH A O     1 
HETATM 421 O  O     . HOH H 4 .  ? 13.595  3.083   2.275   1.00 2.78  ? 25 HOH B O     1 
HETATM 422 O  O     . HOH H 4 .  ? 14.019  2.860   -1.123  1.00 4.88  ? 26 HOH B O     1 
HETATM 423 O  O     . HOH H 4 .  ? 14.641  0.845   0.745   1.00 5.53  ? 33 HOH B O     1 
HETATM 424 O  O     . HOH H 4 .  ? 11.274  3.807   0.736   1.00 4.25  ? 34 HOH B O     1 
HETATM 425 O  O     . HOH H 4 .  ? 10.926  1.649   -1.389  1.00 3.31  ? 36 HOH B O     1 
HETATM 426 O  O     . HOH H 4 .  ? 15.242  -2.212  -8.337  1.00 1.61  ? 37 HOH B O     1 
HETATM 427 O  O     . HOH H 4 .  ? -10.546 2.128   -3.955  1.00 5.16  ? 40 HOH B O     1 
HETATM 428 O  O     . HOH H 4 .  ? 9.264   3.651   -2.278  1.00 2.63  ? 41 HOH B O     1 
HETATM 429 O  O     . HOH H 4 .  ? 0.158   4.260   3.907   1.00 5.84  ? 44 HOH B O     1 
# 
